data_1RWH
#
_entry.id   1RWH
#
_cell.length_a   57.621
_cell.length_b   86.305
_cell.length_c   80.514
_cell.angle_alpha   90.00
_cell.angle_beta   106.95
_cell.angle_gamma   90.00
#
_symmetry.space_group_name_H-M   'P 1 21 1'
#
loop_
_entity.id
_entity.type
_entity.pdbx_description
1 polymer 'chondroitin AC lyase'
2 branched '2,6-anhydro-3-deoxy-L-threo-hex-2-enonic acid-(1-3)-2-acetamido-2-deoxy-4-O-sulfo-beta-D-galactopyranose-(1-4)-2,6-anhydro-3-deoxy-L-xylo-hexonic acid-(1-3)-2-acetamido-2-deoxy-4-O-sulfo-beta-D-galactopyranose'
3 non-polymer 'SODIUM ION'
4 non-polymer 'PHOSPHATE ION'
5 non-polymer GLYCEROL
6 water water
#
_entity_poly.entity_id   1
_entity_poly.type   'polypeptide(L)'
_entity_poly.pdbx_seq_one_letter_code
;EAEPGAAEFAALRNRWVDQITGRNVIQAGDPDFAKAITALNNKAADSLAKLDAAAGRTSVFTDLSLAKDAEMVTTYTRLS
QLATAWATPTAAVFGDAAVLAAIKAGLADANTLCYNDRKEEVGNWWSWEIGVPRALADAMVLLHAELSAAERTAYCAAID
HFVPDPWLQFPPKRGKITSVGANRVDLCQGIIIRSLAGEDPTKLNHAVAGLSQVWQYVTSGDGIFRDGSFIQHSTTPYTG
SYGVVLLTGLSKLFSLLGGTAFEVSDPTRSIFFDAVEGSFAPVMINGAMADAVRGRSISREANTGYDLGASAIEAILLLA
RAMDPATAARWRGLCAGWIARDTYRPILNSASVPRTALVKQLEATGVAPVAEATGHKLFPAMDRTMHRGPGWALSLALSS
NRIAWYECGNGENNRGYHTGSGMTYFYTSDLGQYDDAFWATANYNRLPGITVDTTPLPDKVEGQWGAAVPADEWSGATAL
GEVAAVGQHLVGPGRTGLTARKSWFVSGDVTVCLGADISTASGAKVETIVDHRNLHQGSNTLTTAAGTIAGTAGTVEVLG
DGRWVHLEGFGGYAMLDDSPLHVLRETRSGSWSGVNINGSATVQQRNFATLYVNHGVGPVAGSYAYMVAPGASVDLTRKL
LEGNKYSVIRNDATAQSVEFKTAKTTAATFWKPGMAGDLGASGPACVVFSRHGNELSLAVSEPTQKAAGLTLTLPEGTWS
SVLEGAGTLGTDADGRSTLTLDTTGLSGKTKLIKLKR
;
_entity_poly.pdbx_strand_id   A
#
loop_
_chem_comp.id
_chem_comp.type
_chem_comp.name
_chem_comp.formula
ASG D-saccharide, beta linking 2-acetamido-2-deoxy-4-O-sulfo-beta-D-galactopyranose 'C8 H15 N O9 S'
GAD L-saccharide '2,6-anhydro-3-deoxy-L-threo-hex-2-enonic acid' 'C6 H8 O5'
GCT D-saccharide '2,6-anhydro-3-deoxy-L-xylo-hexonic acid' 'C6 H10 O5'
GOL non-polymer GLYCEROL 'C3 H8 O3'
NA non-polymer 'SODIUM ION' 'Na 1'
PO4 non-polymer 'PHOSPHATE ION' 'O4 P -3'
#
# COMPACT_ATOMS: atom_id res chain seq x y z
N PRO A 4 7.17 8.53 39.05
CA PRO A 4 5.77 8.06 38.87
C PRO A 4 5.47 6.79 39.67
N GLY A 5 4.40 6.90 40.43
CA GLY A 5 4.06 5.83 41.32
C GLY A 5 2.72 5.22 41.04
N ALA A 6 2.12 4.65 42.08
CA ALA A 6 0.86 3.94 41.98
C ALA A 6 -0.24 4.70 41.32
N ALA A 7 -0.42 5.96 41.62
CA ALA A 7 -1.53 6.73 41.13
C ALA A 7 -1.33 6.99 39.64
N GLU A 8 -0.09 7.27 39.25
CA GLU A 8 0.25 7.57 37.85
C GLU A 8 0.02 6.29 37.01
N PHE A 9 0.46 5.14 37.50
CA PHE A 9 0.25 3.89 36.78
C PHE A 9 -1.25 3.53 36.68
N ALA A 10 -2.02 3.78 37.74
CA ALA A 10 -3.44 3.54 37.68
C ALA A 10 -4.11 4.47 36.66
N ALA A 11 -3.71 5.73 36.57
CA ALA A 11 -4.26 6.64 35.62
C ALA A 11 -3.94 6.20 34.18
N LEU A 12 -2.72 5.74 33.97
CA LEU A 12 -2.31 5.23 32.65
C LEU A 12 -3.09 4.01 32.25
N ARG A 13 -3.26 3.05 33.18
CA ARG A 13 -4.04 1.87 32.86
C ARG A 13 -5.47 2.29 32.54
N ASN A 14 -6.05 3.18 33.35
CA ASN A 14 -7.39 3.64 33.07
C ASN A 14 -7.52 4.32 31.70
N ARG A 15 -6.51 5.08 31.34
CA ARG A 15 -6.51 5.74 30.04
C ARG A 15 -6.46 4.70 28.91
N TRP A 16 -5.64 3.68 29.08
CA TRP A 16 -5.56 2.65 28.05
C TRP A 16 -6.88 1.95 27.90
N VAL A 17 -7.54 1.57 29.01
CA VAL A 17 -8.83 0.96 28.93
C VAL A 17 -9.86 1.91 28.30
N ASP A 18 -9.82 3.18 28.62
CA ASP A 18 -10.71 4.13 27.95
C ASP A 18 -10.48 4.10 26.47
N GLN A 19 -9.22 4.11 26.04
CA GLN A 19 -8.89 4.17 24.62
C GLN A 19 -9.37 2.93 23.89
N ILE A 20 -9.15 1.72 24.47
CA ILE A 20 -9.42 0.52 23.74
C ILE A 20 -10.88 0.01 23.85
N THR A 21 -11.63 0.55 24.81
CA THR A 21 -13.05 0.20 24.94
C THR A 21 -13.99 1.32 24.44
N GLY A 22 -13.54 2.57 24.51
CA GLY A 22 -14.45 3.69 24.27
C GLY A 22 -15.51 3.83 25.35
N ARG A 23 -15.26 3.31 26.54
CA ARG A 23 -16.27 3.27 27.64
C ARG A 23 -16.71 4.64 28.05
N ASN A 24 -15.86 5.67 27.95
CA ASN A 24 -16.14 7.05 28.38
C ASN A 24 -16.83 7.89 27.30
N VAL A 25 -17.02 7.34 26.11
CA VAL A 25 -17.53 8.14 24.94
C VAL A 25 -18.62 7.49 24.18
N ILE A 26 -19.31 6.51 24.77
CA ILE A 26 -20.48 5.95 24.13
C ILE A 26 -21.66 6.97 24.18
N GLN A 27 -22.26 7.34 23.02
CA GLN A 27 -23.45 8.22 22.98
C GLN A 27 -24.72 7.38 23.05
N ALA A 28 -25.49 7.61 24.12
CA ALA A 28 -26.72 6.85 24.39
C ALA A 28 -27.75 7.00 23.31
N GLY A 29 -28.33 5.93 22.86
CA GLY A 29 -29.33 5.99 21.82
C GLY A 29 -28.80 6.20 20.45
N ASP A 30 -27.45 6.23 20.29
CA ASP A 30 -26.83 6.46 18.97
C ASP A 30 -26.88 5.15 18.24
N PRO A 31 -27.40 5.11 17.00
CA PRO A 31 -27.53 3.83 16.33
C PRO A 31 -26.14 3.21 15.94
N ASP A 32 -25.18 4.07 15.68
CA ASP A 32 -23.86 3.56 15.32
C ASP A 32 -23.12 3.00 16.52
N PHE A 33 -23.25 3.64 17.66
CA PHE A 33 -22.76 2.99 18.89
C PHE A 33 -23.46 1.69 19.17
N ALA A 34 -24.80 1.65 19.00
CA ALA A 34 -25.47 0.38 19.23
C ALA A 34 -24.99 -0.76 18.35
N LYS A 35 -24.72 -0.42 17.08
CA LYS A 35 -24.26 -1.40 16.12
C LYS A 35 -22.83 -1.89 16.52
N ALA A 36 -21.99 -0.96 16.96
CA ALA A 36 -20.61 -1.36 17.37
C ALA A 36 -20.70 -2.32 18.57
N ILE A 37 -21.62 -2.05 19.48
CA ILE A 37 -21.82 -2.91 20.65
C ILE A 37 -22.38 -4.28 20.24
N THR A 38 -23.31 -4.28 19.29
CA THR A 38 -23.80 -5.52 18.75
C THR A 38 -22.66 -6.38 18.13
N ALA A 39 -21.78 -5.74 17.36
CA ALA A 39 -20.66 -6.50 16.72
C ALA A 39 -19.73 -7.06 17.81
N LEU A 40 -19.49 -6.23 18.83
CA LEU A 40 -18.69 -6.64 20.02
C LEU A 40 -19.36 -7.86 20.69
N ASN A 41 -20.68 -7.76 20.91
CA ASN A 41 -21.41 -8.84 21.53
C ASN A 41 -21.40 -10.14 20.71
N ASN A 42 -21.55 -10.04 19.39
CA ASN A 42 -21.58 -11.25 18.55
C ASN A 42 -20.21 -11.96 18.54
N LYS A 43 -19.14 -11.17 18.51
CA LYS A 43 -17.82 -11.80 18.55
C LYS A 43 -17.55 -12.47 19.90
N ALA A 44 -17.97 -11.77 20.99
CA ALA A 44 -17.81 -12.37 22.30
C ALA A 44 -18.61 -13.69 22.44
N ALA A 45 -19.85 -13.66 21.95
CA ALA A 45 -20.68 -14.84 22.07
C ALA A 45 -20.13 -16.01 21.26
N ASP A 46 -19.56 -15.69 20.10
CA ASP A 46 -18.91 -16.68 19.25
C ASP A 46 -17.75 -17.37 19.95
N SER A 47 -16.89 -16.56 20.57
CA SER A 47 -15.80 -17.11 21.34
C SER A 47 -16.25 -17.96 22.56
N LEU A 48 -17.26 -17.46 23.28
CA LEU A 48 -17.74 -18.22 24.45
C LEU A 48 -18.34 -19.58 24.02
N ALA A 49 -18.94 -19.58 22.85
CA ALA A 49 -19.57 -20.82 22.30
C ALA A 49 -18.48 -21.88 21.97
N LYS A 50 -17.25 -21.41 21.74
CA LYS A 50 -16.12 -22.27 21.38
C LYS A 50 -15.22 -22.65 22.56
N LEU A 51 -15.57 -22.23 23.77
CA LEU A 51 -14.77 -22.55 24.93
C LEU A 51 -14.67 -24.09 25.14
N ASP A 52 -13.50 -24.57 25.43
CA ASP A 52 -13.29 -25.97 25.79
C ASP A 52 -13.60 -26.03 27.26
N ALA A 53 -14.66 -26.79 27.58
CA ALA A 53 -15.15 -26.90 28.95
C ALA A 53 -14.69 -28.19 29.59
N ALA A 54 -13.91 -28.98 28.85
CA ALA A 54 -13.55 -30.34 29.30
C ALA A 54 -12.62 -30.29 30.48
N ALA A 55 -12.79 -31.26 31.36
CA ALA A 55 -11.89 -31.40 32.48
C ALA A 55 -10.51 -31.74 31.96
N GLY A 56 -9.48 -31.21 32.58
CA GLY A 56 -8.09 -31.42 32.12
C GLY A 56 -7.82 -30.96 30.66
N ARG A 57 -8.47 -29.87 30.24
CA ARG A 57 -8.37 -29.42 28.84
C ARG A 57 -6.93 -29.09 28.46
N THR A 58 -6.63 -29.36 27.19
CA THR A 58 -5.30 -29.07 26.63
C THR A 58 -5.37 -27.92 25.61
N SER A 59 -6.55 -27.36 25.45
CA SER A 59 -6.76 -26.10 24.69
C SER A 59 -7.77 -25.23 25.41
N VAL A 60 -7.80 -23.93 25.11
CA VAL A 60 -8.83 -23.04 25.65
C VAL A 60 -10.08 -23.03 24.83
N PHE A 61 -9.94 -22.99 23.53
CA PHE A 61 -11.03 -23.02 22.60
C PHE A 61 -10.96 -24.33 21.81
N THR A 62 -12.12 -24.94 21.59
CA THR A 62 -12.14 -26.24 20.87
C THR A 62 -11.64 -26.22 19.44
N ASP A 63 -11.61 -25.06 18.80
CA ASP A 63 -11.20 -24.92 17.40
C ASP A 63 -9.80 -24.29 17.27
N LEU A 64 -9.06 -24.18 18.39
CA LEU A 64 -7.72 -23.56 18.37
C LEU A 64 -6.74 -24.40 19.12
N SER A 65 -5.74 -24.93 18.40
CA SER A 65 -4.69 -25.73 19.01
C SER A 65 -3.58 -24.82 19.53
N LEU A 66 -3.20 -25.01 20.78
CA LEU A 66 -2.07 -24.28 21.34
C LEU A 66 -0.74 -24.74 20.80
N ALA A 67 -0.71 -25.88 20.12
CA ALA A 67 0.52 -26.35 19.46
C ALA A 67 0.72 -25.68 18.09
N LYS A 68 -0.22 -24.85 17.62
CA LYS A 68 -0.04 -24.15 16.36
C LYS A 68 0.07 -22.66 16.68
N ASP A 69 1.20 -22.06 16.35
CA ASP A 69 1.50 -20.73 16.95
C ASP A 69 0.44 -19.68 16.50
N ALA A 70 -0.15 -19.74 15.30
CA ALA A 70 -1.14 -18.78 14.90
C ALA A 70 -2.44 -18.92 15.71
N GLU A 71 -2.78 -20.18 16.03
CA GLU A 71 -3.96 -20.48 16.82
C GLU A 71 -3.74 -20.16 18.30
N MET A 72 -2.51 -20.22 18.78
CA MET A 72 -2.12 -19.67 20.07
C MET A 72 -2.39 -18.17 20.10
N VAL A 73 -1.97 -17.44 19.05
CA VAL A 73 -2.27 -15.99 19.02
C VAL A 73 -3.79 -15.77 19.09
N THR A 74 -4.56 -16.48 18.23
CA THR A 74 -5.98 -16.24 18.20
C THR A 74 -6.61 -16.58 19.55
N THR A 75 -6.09 -17.58 20.24
CA THR A 75 -6.56 -17.87 21.62
C THR A 75 -6.43 -16.58 22.47
N TYR A 76 -5.28 -15.96 22.45
CA TYR A 76 -5.07 -14.75 23.22
C TYR A 76 -5.89 -13.53 22.72
N THR A 77 -6.03 -13.37 21.41
CA THR A 77 -6.83 -12.23 20.94
C THR A 77 -8.31 -12.44 21.24
N ARG A 78 -8.79 -13.70 21.24
CA ARG A 78 -10.16 -13.92 21.68
C ARG A 78 -10.32 -13.58 23.17
N LEU A 79 -9.32 -13.92 23.99
CA LEU A 79 -9.41 -13.59 25.41
C LEU A 79 -9.38 -12.08 25.64
N SER A 80 -8.54 -11.36 24.89
CA SER A 80 -8.50 -9.91 25.07
C SER A 80 -9.79 -9.25 24.54
N GLN A 81 -10.38 -9.79 23.48
CA GLN A 81 -11.66 -9.28 23.02
C GLN A 81 -12.76 -9.48 24.07
N LEU A 82 -12.75 -10.66 24.68
CA LEU A 82 -13.73 -10.97 25.73
C LEU A 82 -13.52 -10.03 26.90
N ALA A 83 -12.27 -9.76 27.27
CA ALA A 83 -12.01 -8.82 28.36
C ALA A 83 -12.48 -7.41 27.95
N THR A 84 -12.29 -7.04 26.66
CA THR A 84 -12.77 -5.77 26.20
C THR A 84 -14.27 -5.64 26.36
N ALA A 85 -14.98 -6.66 25.91
CA ALA A 85 -16.43 -6.68 26.04
C ALA A 85 -16.88 -6.61 27.52
N TRP A 86 -16.20 -7.38 28.38
CA TRP A 86 -16.51 -7.38 29.80
C TRP A 86 -16.33 -5.99 30.44
N ALA A 87 -15.46 -5.18 29.83
CA ALA A 87 -15.15 -3.84 30.30
C ALA A 87 -15.96 -2.71 29.60
N THR A 88 -16.84 -3.06 28.64
CA THR A 88 -17.53 -2.05 27.87
C THR A 88 -18.99 -1.90 28.34
N PRO A 89 -19.32 -0.74 28.91
CA PRO A 89 -20.69 -0.51 29.34
C PRO A 89 -21.68 -0.83 28.22
N THR A 90 -22.80 -1.45 28.63
CA THR A 90 -23.92 -1.92 27.80
C THR A 90 -23.66 -3.15 26.95
N ALA A 91 -22.40 -3.62 26.92
CA ALA A 91 -22.18 -4.87 26.27
C ALA A 91 -22.92 -5.99 26.98
N ALA A 92 -23.29 -7.02 26.26
CA ALA A 92 -24.06 -8.13 26.86
C ALA A 92 -23.31 -8.74 28.05
N VAL A 93 -21.98 -8.87 27.94
CA VAL A 93 -21.20 -9.49 29.01
C VAL A 93 -20.55 -8.49 29.95
N PHE A 94 -20.94 -7.21 29.88
CA PHE A 94 -20.34 -6.21 30.73
C PHE A 94 -20.45 -6.60 32.20
N GLY A 95 -19.34 -6.70 32.91
CA GLY A 95 -19.35 -6.99 34.34
C GLY A 95 -19.84 -8.40 34.67
N ASP A 96 -19.94 -9.30 33.72
CA ASP A 96 -20.50 -10.63 33.97
C ASP A 96 -19.43 -11.50 34.63
N ALA A 97 -19.67 -11.91 35.88
CA ALA A 97 -18.69 -12.64 36.63
C ALA A 97 -18.40 -14.03 36.04
N ALA A 98 -19.36 -14.69 35.44
CA ALA A 98 -19.10 -16.05 34.88
C ALA A 98 -18.18 -15.89 33.64
N VAL A 99 -18.44 -14.89 32.81
CA VAL A 99 -17.58 -14.60 31.69
C VAL A 99 -16.16 -14.25 32.16
N LEU A 100 -16.08 -13.36 33.15
CA LEU A 100 -14.77 -13.02 33.73
C LEU A 100 -14.03 -14.27 34.15
N ALA A 101 -14.68 -15.14 34.88
CA ALA A 101 -14.03 -16.34 35.34
C ALA A 101 -13.50 -17.17 34.17
N ALA A 102 -14.25 -17.28 33.10
CA ALA A 102 -13.83 -18.01 31.92
C ALA A 102 -12.60 -17.33 31.26
N ILE A 103 -12.59 -16.00 31.22
CA ILE A 103 -11.42 -15.30 30.65
C ILE A 103 -10.19 -15.61 31.49
N LYS A 104 -10.30 -15.49 32.81
CA LYS A 104 -9.18 -15.73 33.71
C LYS A 104 -8.69 -17.13 33.59
N ALA A 105 -9.60 -18.10 33.54
CA ALA A 105 -9.18 -19.48 33.38
C ALA A 105 -8.49 -19.78 32.06
N GLY A 106 -8.96 -19.09 31.02
CA GLY A 106 -8.33 -19.18 29.73
C GLY A 106 -6.90 -18.60 29.77
N LEU A 107 -6.71 -17.43 30.39
CA LEU A 107 -5.36 -16.89 30.52
C LEU A 107 -4.47 -17.84 31.34
N ALA A 108 -5.02 -18.39 32.40
CA ALA A 108 -4.24 -19.26 33.28
C ALA A 108 -3.80 -20.54 32.54
N ASP A 109 -4.73 -21.19 31.86
CA ASP A 109 -4.42 -22.44 31.21
C ASP A 109 -3.55 -22.19 29.99
N ALA A 110 -3.76 -21.11 29.24
CA ALA A 110 -2.89 -20.88 28.09
C ALA A 110 -1.45 -20.65 28.58
N ASN A 111 -1.28 -20.02 29.74
CA ASN A 111 0.04 -19.86 30.36
C ASN A 111 0.65 -21.21 30.72
N THR A 112 -0.10 -21.99 31.51
CA THR A 112 0.40 -23.34 31.95
C THR A 112 0.74 -24.25 30.83
N LEU A 113 -0.15 -24.33 29.87
CA LEU A 113 -0.06 -25.27 28.80
C LEU A 113 0.97 -24.91 27.77
N CYS A 114 1.24 -23.63 27.58
CA CYS A 114 1.95 -23.21 26.40
C CYS A 114 2.82 -21.98 26.64
N TYR A 115 2.20 -20.83 26.89
CA TYR A 115 2.88 -19.54 26.78
C TYR A 115 3.41 -19.12 28.17
N ASN A 116 4.60 -19.61 28.50
CA ASN A 116 5.16 -19.36 29.83
C ASN A 116 6.66 -19.13 29.71
N ASP A 117 7.30 -18.78 30.81
CA ASP A 117 8.68 -18.37 30.84
C ASP A 117 9.69 -19.52 30.72
N ARG A 118 9.18 -20.73 30.55
CA ARG A 118 10.03 -21.94 30.32
C ARG A 118 9.91 -22.45 28.88
N LYS A 119 9.11 -21.81 28.06
CA LYS A 119 8.79 -22.34 26.70
C LYS A 119 9.73 -21.76 25.64
N GLU A 120 10.27 -22.63 24.82
CA GLU A 120 11.02 -22.22 23.65
C GLU A 120 10.04 -21.89 22.53
N GLU A 121 10.40 -20.88 21.74
CA GLU A 121 9.57 -20.55 20.56
C GLU A 121 9.54 -21.74 19.60
N VAL A 122 8.39 -22.02 19.01
CA VAL A 122 8.19 -22.96 17.91
C VAL A 122 7.37 -22.27 16.86
N GLY A 123 7.87 -22.24 15.63
CA GLY A 123 7.19 -21.59 14.55
C GLY A 123 7.45 -20.07 14.50
N ASN A 124 6.48 -19.32 13.98
CA ASN A 124 6.66 -17.93 13.61
C ASN A 124 6.98 -17.05 14.84
N TRP A 125 8.15 -16.42 14.81
CA TRP A 125 8.62 -15.57 15.87
C TRP A 125 7.57 -14.50 16.22
N TRP A 126 6.84 -14.02 15.20
CA TRP A 126 5.93 -12.90 15.42
C TRP A 126 4.86 -13.33 16.41
N SER A 127 4.40 -14.58 16.34
CA SER A 127 3.37 -15.04 17.24
C SER A 127 3.77 -14.86 18.73
N TRP A 128 5.00 -15.24 19.00
CA TRP A 128 5.51 -15.29 20.37
C TRP A 128 5.86 -13.91 20.89
N GLU A 129 6.28 -13.00 20.02
CA GLU A 129 6.89 -11.75 20.42
C GLU A 129 5.97 -10.55 20.25
N ILE A 130 5.04 -10.67 19.29
CA ILE A 130 4.09 -9.57 18.98
C ILE A 130 2.64 -9.99 19.15
N GLY A 131 2.24 -11.15 18.56
CA GLY A 131 0.84 -11.54 18.61
C GLY A 131 0.35 -11.76 20.02
N VAL A 132 1.05 -12.60 20.78
CA VAL A 132 0.62 -12.84 22.15
C VAL A 132 0.90 -11.64 23.05
N PRO A 133 2.10 -11.07 23.11
CA PRO A 133 2.31 -10.00 24.10
C PRO A 133 1.32 -8.86 24.01
N ARG A 134 0.99 -8.39 22.78
CA ARG A 134 0.06 -7.24 22.74
C ARG A 134 -1.28 -7.59 23.38
N ALA A 135 -1.78 -8.81 23.06
CA ALA A 135 -3.08 -9.26 23.53
C ALA A 135 -3.06 -9.60 25.02
N LEU A 136 -2.02 -10.31 25.48
CA LEU A 136 -1.92 -10.60 26.88
C LEU A 136 -1.70 -9.36 27.72
N ALA A 137 -0.93 -8.40 27.26
CA ALA A 137 -0.80 -7.17 27.96
C ALA A 137 -2.12 -6.40 28.08
N ASP A 138 -2.85 -6.33 26.95
CA ASP A 138 -4.16 -5.69 26.99
C ASP A 138 -5.04 -6.37 28.03
N ALA A 139 -5.09 -7.69 27.99
CA ALA A 139 -5.91 -8.42 28.92
C ALA A 139 -5.54 -8.15 30.39
N MET A 140 -4.24 -8.08 30.66
CA MET A 140 -3.83 -7.73 32.01
C MET A 140 -4.32 -6.37 32.42
N VAL A 141 -4.20 -5.37 31.55
CA VAL A 141 -4.64 -4.05 31.90
C VAL A 141 -6.16 -3.98 32.05
N LEU A 142 -6.90 -4.56 31.12
CA LEU A 142 -8.37 -4.61 31.20
C LEU A 142 -8.82 -5.25 32.50
N LEU A 143 -8.12 -6.31 32.90
CA LEU A 143 -8.49 -7.11 34.07
C LEU A 143 -7.66 -6.77 35.30
N HIS A 144 -7.04 -5.61 35.35
CA HIS A 144 -6.15 -5.34 36.44
C HIS A 144 -6.77 -5.43 37.82
N ALA A 145 -8.01 -4.97 37.96
CA ALA A 145 -8.72 -5.04 39.24
C ALA A 145 -9.11 -6.46 39.63
N GLU A 146 -8.97 -7.43 38.75
CA GLU A 146 -9.45 -8.80 38.92
C GLU A 146 -8.37 -9.85 39.01
N LEU A 147 -7.23 -9.66 38.37
CA LEU A 147 -6.10 -10.59 38.44
C LEU A 147 -5.33 -10.42 39.70
N SER A 148 -4.76 -11.50 40.21
CA SER A 148 -3.93 -11.36 41.39
C SER A 148 -2.51 -10.93 41.05
N ALA A 149 -1.75 -10.57 42.07
CA ALA A 149 -0.35 -10.27 41.89
C ALA A 149 0.39 -11.43 41.29
N ALA A 150 0.11 -12.65 41.77
CA ALA A 150 0.82 -13.82 41.26
C ALA A 150 0.51 -14.02 39.76
N GLU A 151 -0.72 -13.80 39.33
CA GLU A 151 -1.08 -13.87 37.91
C GLU A 151 -0.32 -12.82 37.11
N ARG A 152 -0.25 -11.58 37.60
CA ARG A 152 0.55 -10.56 36.89
C ARG A 152 2.01 -11.01 36.80
N THR A 153 2.57 -11.51 37.90
CA THR A 153 3.94 -11.98 37.86
C THR A 153 4.17 -13.03 36.78
N ALA A 154 3.32 -14.01 36.72
CA ALA A 154 3.44 -15.09 35.77
C ALA A 154 3.34 -14.59 34.31
N TYR A 155 2.39 -13.71 34.04
CA TYR A 155 2.15 -13.31 32.66
C TYR A 155 3.21 -12.30 32.26
N CYS A 156 3.63 -11.40 33.13
CA CYS A 156 4.76 -10.52 32.86
C CYS A 156 6.02 -11.32 32.60
N ALA A 157 6.26 -12.37 33.36
CA ALA A 157 7.42 -13.20 33.20
C ALA A 157 7.42 -13.88 31.84
N ALA A 158 6.27 -14.36 31.41
CA ALA A 158 6.14 -14.96 30.09
C ALA A 158 6.52 -13.98 28.99
N ILE A 159 5.90 -12.79 29.03
CA ILE A 159 6.21 -11.72 28.04
C ILE A 159 7.72 -11.43 28.05
N ASP A 160 8.28 -11.20 29.23
CA ASP A 160 9.69 -10.81 29.33
C ASP A 160 10.61 -11.93 28.82
N HIS A 161 10.21 -13.17 28.97
CA HIS A 161 10.98 -14.31 28.46
C HIS A 161 11.07 -14.21 26.96
N PHE A 162 9.97 -13.92 26.28
CA PHE A 162 10.00 -13.89 24.81
C PHE A 162 10.49 -12.58 24.28
N VAL A 163 10.32 -11.50 24.99
CA VAL A 163 10.69 -10.14 24.58
C VAL A 163 11.44 -9.46 25.72
N PRO A 164 12.69 -9.89 25.94
CA PRO A 164 13.46 -9.24 27.03
C PRO A 164 13.81 -7.82 26.68
N ASP A 165 13.85 -7.47 25.37
CA ASP A 165 14.23 -6.12 24.92
C ASP A 165 13.50 -5.84 23.61
N PRO A 166 12.52 -4.95 23.62
CA PRO A 166 11.74 -4.72 22.37
C PRO A 166 12.53 -4.04 21.25
N TRP A 167 13.76 -3.59 21.55
CA TRP A 167 14.61 -3.06 20.49
C TRP A 167 15.16 -4.21 19.62
N LEU A 168 14.96 -5.44 20.01
CA LEU A 168 15.45 -6.64 19.32
C LEU A 168 14.32 -7.58 19.00
N GLN A 169 14.55 -8.55 18.14
CA GLN A 169 13.62 -9.56 17.80
C GLN A 169 14.32 -10.87 17.48
N PHE A 170 13.57 -11.96 17.55
CA PHE A 170 13.88 -13.33 17.22
C PHE A 170 14.30 -14.12 18.49
N PRO A 171 14.08 -15.42 18.53
CA PRO A 171 14.49 -16.21 19.70
C PRO A 171 16.02 -16.41 19.66
N PRO A 172 16.57 -16.72 20.83
CA PRO A 172 18.05 -16.82 20.91
C PRO A 172 18.73 -17.73 19.86
N LYS A 173 18.11 -18.86 19.63
N LYS A 173 18.08 -18.85 19.60
CA LYS A 173 18.62 -19.85 18.64
C LYS A 173 18.82 -19.29 17.23
N ARG A 174 18.15 -18.21 16.88
CA ARG A 174 18.20 -17.64 15.54
C ARG A 174 19.26 -16.55 15.50
N GLY A 175 19.60 -15.93 16.62
CA GLY A 175 20.42 -14.73 16.59
C GLY A 175 19.49 -13.51 16.59
N LYS A 176 19.63 -12.60 17.53
CA LYS A 176 18.64 -11.50 17.65
C LYS A 176 19.08 -10.31 16.83
N ILE A 177 18.14 -9.69 16.11
CA ILE A 177 18.45 -8.53 15.31
C ILE A 177 17.67 -7.33 15.80
N THR A 178 18.11 -6.14 15.38
CA THR A 178 17.38 -4.93 15.69
C THR A 178 15.97 -5.03 15.07
N SER A 179 14.94 -4.75 15.85
CA SER A 179 13.60 -4.65 15.31
C SER A 179 13.44 -3.27 14.65
N VAL A 180 12.69 -3.23 13.54
CA VAL A 180 12.56 -2.01 12.77
C VAL A 180 11.12 -1.77 12.37
N GLY A 181 10.81 -0.51 12.10
CA GLY A 181 9.53 -0.18 11.50
C GLY A 181 8.37 -0.68 12.30
N ALA A 182 7.40 -1.32 11.59
CA ALA A 182 6.23 -1.80 12.28
C ALA A 182 6.54 -2.76 13.41
N ASN A 183 7.59 -3.56 13.25
CA ASN A 183 7.95 -4.55 14.27
C ASN A 183 8.44 -3.86 15.53
N ARG A 184 9.29 -2.85 15.39
CA ARG A 184 9.71 -2.09 16.54
C ARG A 184 8.51 -1.47 17.27
N VAL A 185 7.55 -0.89 16.55
CA VAL A 185 6.38 -0.30 17.18
C VAL A 185 5.62 -1.36 17.94
N ASP A 186 5.31 -2.48 17.30
CA ASP A 186 4.51 -3.52 17.93
C ASP A 186 5.23 -4.13 19.17
N LEU A 187 6.54 -4.35 19.09
CA LEU A 187 7.25 -4.87 20.28
C LEU A 187 7.20 -3.85 21.39
N CYS A 188 7.45 -2.58 21.09
CA CYS A 188 7.40 -1.55 22.09
C CYS A 188 5.99 -1.40 22.67
N GLN A 189 4.94 -1.55 21.86
CA GLN A 189 3.58 -1.51 22.40
C GLN A 189 3.39 -2.61 23.43
N GLY A 190 3.72 -3.85 23.08
CA GLY A 190 3.50 -4.91 24.03
C GLY A 190 4.20 -4.67 25.31
N ILE A 191 5.46 -4.21 25.29
CA ILE A 191 6.20 -3.93 26.51
C ILE A 191 5.63 -2.75 27.26
N ILE A 192 5.23 -1.67 26.60
CA ILE A 192 4.66 -0.55 27.30
C ILE A 192 3.40 -0.95 28.05
N ILE A 193 2.51 -1.69 27.42
CA ILE A 193 1.28 -2.08 28.09
C ILE A 193 1.57 -3.06 29.21
N ARG A 194 2.47 -4.03 29.01
CA ARG A 194 2.91 -4.90 30.06
C ARG A 194 3.55 -4.11 31.22
N SER A 195 4.24 -3.02 30.94
CA SER A 195 4.86 -2.18 31.97
C SER A 195 3.84 -1.40 32.75
N LEU A 196 2.67 -1.14 32.18
CA LEU A 196 1.59 -0.58 32.94
C LEU A 196 1.01 -1.55 33.93
N ALA A 197 0.83 -2.78 33.47
CA ALA A 197 0.29 -3.83 34.37
C ALA A 197 1.22 -4.11 35.50
N GLY A 198 2.52 -4.24 35.22
CA GLY A 198 3.52 -4.51 36.25
C GLY A 198 4.16 -3.31 36.91
N GLU A 199 3.81 -2.11 36.54
CA GLU A 199 4.34 -0.89 37.12
C GLU A 199 5.86 -0.91 37.05
N ASP A 200 6.39 -0.98 35.85
CA ASP A 200 7.83 -1.06 35.61
C ASP A 200 8.33 0.14 34.80
N PRO A 201 8.70 1.24 35.46
CA PRO A 201 9.08 2.43 34.73
C PRO A 201 10.32 2.28 33.90
N THR A 202 11.23 1.40 34.30
CA THR A 202 12.51 1.20 33.61
C THR A 202 12.21 0.58 32.21
N LYS A 203 11.42 -0.52 32.20
CA LYS A 203 11.05 -1.14 30.93
C LYS A 203 10.21 -0.15 30.11
N LEU A 204 9.33 0.59 30.72
CA LEU A 204 8.46 1.48 30.01
C LEU A 204 9.32 2.55 29.30
N ASN A 205 10.22 3.23 30.06
CA ASN A 205 11.09 4.23 29.48
C ASN A 205 11.93 3.69 28.31
N HIS A 206 12.48 2.48 28.46
CA HIS A 206 13.31 1.97 27.37
C HIS A 206 12.43 1.69 26.11
N ALA A 207 11.25 1.15 26.33
CA ALA A 207 10.35 0.89 25.18
C ALA A 207 9.94 2.20 24.49
N VAL A 208 9.65 3.26 25.24
CA VAL A 208 9.29 4.55 24.65
C VAL A 208 10.47 5.05 23.84
N ALA A 209 11.69 4.96 24.40
CA ALA A 209 12.90 5.41 23.71
C ALA A 209 13.08 4.62 22.39
N GLY A 210 12.64 3.37 22.36
CA GLY A 210 12.75 2.56 21.14
C GLY A 210 11.90 3.04 19.99
N LEU A 211 10.85 3.81 20.28
CA LEU A 211 10.00 4.35 19.21
C LEU A 211 10.79 5.32 18.32
N SER A 212 11.77 6.01 18.88
CA SER A 212 12.42 7.08 18.14
C SER A 212 13.04 6.63 16.81
N GLN A 213 13.57 5.43 16.78
CA GLN A 213 14.22 4.99 15.56
C GLN A 213 13.26 4.90 14.38
N VAL A 214 11.99 4.67 14.65
CA VAL A 214 11.14 4.28 13.52
C VAL A 214 10.77 5.46 12.61
N TRP A 215 10.96 6.71 13.05
CA TRP A 215 10.71 7.83 12.23
C TRP A 215 11.97 8.58 11.84
N GLN A 216 13.13 7.98 12.01
CA GLN A 216 14.34 8.60 11.44
C GLN A 216 14.38 8.27 9.95
N TYR A 217 14.72 9.25 9.14
CA TYR A 217 14.86 9.04 7.70
C TYR A 217 15.94 8.03 7.42
N VAL A 218 15.70 7.15 6.45
CA VAL A 218 16.67 6.20 5.97
C VAL A 218 16.93 6.47 4.51
N THR A 219 18.06 5.96 4.05
CA THR A 219 18.37 5.93 2.62
C THR A 219 18.45 4.55 2.04
N SER A 220 18.33 3.51 2.85
CA SER A 220 18.36 2.08 2.49
C SER A 220 17.66 1.31 3.62
N GLY A 221 17.40 0.02 3.45
CA GLY A 221 16.71 -0.82 4.44
C GLY A 221 15.22 -0.38 4.62
N ASP A 222 14.81 -0.57 5.81
CA ASP A 222 13.46 -0.33 6.17
C ASP A 222 13.23 0.98 6.83
N GLY A 223 12.17 1.64 6.51
CA GLY A 223 11.80 2.85 7.15
C GLY A 223 11.21 3.86 6.17
N ILE A 224 11.16 5.12 6.62
CA ILE A 224 10.67 6.24 5.89
C ILE A 224 11.83 6.92 5.18
N PHE A 225 11.68 7.11 3.88
CA PHE A 225 12.64 7.78 3.03
C PHE A 225 12.25 9.25 2.91
N ARG A 226 13.21 10.12 2.55
CA ARG A 226 12.89 11.53 2.44
C ARG A 226 11.89 11.85 1.34
N ASP A 227 11.74 10.98 0.35
CA ASP A 227 10.73 11.18 -0.70
C ASP A 227 9.35 10.68 -0.27
N GLY A 228 9.24 10.18 0.97
CA GLY A 228 7.98 9.70 1.49
C GLY A 228 7.72 8.21 1.32
N SER A 229 8.57 7.52 0.60
CA SER A 229 8.45 6.05 0.50
C SER A 229 8.57 5.40 1.89
N PHE A 230 7.96 4.23 2.03
CA PHE A 230 8.08 3.47 3.23
C PHE A 230 8.30 2.02 2.81
N ILE A 231 9.41 1.41 3.24
CA ILE A 231 9.77 0.04 2.93
C ILE A 231 9.81 -0.75 4.21
N GLN A 232 9.31 -1.97 4.19
CA GLN A 232 9.51 -2.99 5.22
C GLN A 232 9.95 -4.25 4.50
N HIS A 233 10.80 -5.04 5.15
CA HIS A 233 11.33 -6.29 4.53
C HIS A 233 12.28 -5.95 3.37
N SER A 234 12.90 -4.81 3.43
CA SER A 234 14.03 -4.38 2.55
C SER A 234 13.66 -4.07 1.11
N THR A 235 12.79 -4.84 0.48
CA THR A 235 12.62 -4.77 -0.97
C THR A 235 11.20 -4.59 -1.40
N THR A 236 10.28 -4.34 -0.45
CA THR A 236 8.85 -4.24 -0.81
C THR A 236 8.24 -2.89 -0.40
N PRO A 237 7.61 -2.19 -1.34
CA PRO A 237 6.88 -0.95 -0.99
C PRO A 237 5.77 -1.29 -0.02
N TYR A 238 5.73 -0.65 1.14
CA TYR A 238 4.89 -1.18 2.23
C TYR A 238 4.12 -0.18 3.04
N THR A 239 3.96 1.06 2.58
CA THR A 239 3.21 2.08 3.27
C THR A 239 1.84 1.59 3.71
N GLY A 240 1.18 0.81 2.85
CA GLY A 240 -0.23 0.51 3.04
C GLY A 240 -0.57 -0.60 4.03
N SER A 241 0.40 -1.40 4.44
CA SER A 241 0.13 -2.44 5.42
C SER A 241 1.08 -2.30 6.61
N TYR A 242 2.37 -2.63 6.48
CA TYR A 242 3.31 -2.38 7.58
C TYR A 242 3.37 -0.90 7.94
N GLY A 243 3.27 0.02 6.98
CA GLY A 243 3.28 1.41 7.35
C GLY A 243 2.09 1.77 8.21
N VAL A 244 0.92 1.21 7.90
CA VAL A 244 -0.29 1.44 8.68
C VAL A 244 -0.16 0.84 10.10
N VAL A 245 0.46 -0.35 10.23
CA VAL A 245 0.71 -0.88 11.56
C VAL A 245 1.54 0.10 12.39
N LEU A 246 2.58 0.68 11.81
CA LEU A 246 3.41 1.67 12.47
C LEU A 246 2.54 2.89 12.89
N LEU A 247 1.76 3.41 11.95
CA LEU A 247 0.88 4.56 12.15
C LEU A 247 -0.11 4.30 13.28
N THR A 248 -0.75 3.13 13.25
CA THR A 248 -1.71 2.75 14.27
C THR A 248 -1.05 2.70 15.63
N GLY A 249 0.05 1.96 15.76
CA GLY A 249 0.65 1.80 17.05
C GLY A 249 1.13 3.12 17.65
N LEU A 250 1.78 3.93 16.82
CA LEU A 250 2.21 5.22 17.34
C LEU A 250 1.02 6.12 17.73
N SER A 251 -0.07 6.10 16.96
CA SER A 251 -1.23 6.89 17.36
C SER A 251 -1.67 6.51 18.77
N LYS A 252 -1.78 5.21 19.03
CA LYS A 252 -2.30 4.74 20.31
C LYS A 252 -1.33 5.03 21.44
N LEU A 253 -0.05 4.84 21.21
CA LEU A 253 0.96 5.09 22.25
C LEU A 253 1.18 6.57 22.51
N PHE A 254 1.19 7.38 21.47
CA PHE A 254 1.33 8.83 21.66
C PHE A 254 0.14 9.35 22.50
N SER A 255 -1.07 8.90 22.16
CA SER A 255 -2.26 9.34 22.90
C SER A 255 -2.23 8.87 24.36
N LEU A 256 -1.88 7.59 24.56
CA LEU A 256 -1.78 7.02 25.92
C LEU A 256 -0.86 7.89 26.79
N LEU A 257 0.30 8.19 26.27
CA LEU A 257 1.40 8.72 27.07
C LEU A 257 1.39 10.24 27.16
N GLY A 258 0.63 10.91 26.35
CA GLY A 258 0.71 12.34 26.28
C GLY A 258 0.31 12.98 27.58
N GLY A 259 1.09 13.98 28.00
CA GLY A 259 0.77 14.67 29.27
C GLY A 259 1.20 13.90 30.51
N THR A 260 1.86 12.78 30.37
CA THR A 260 2.33 12.01 31.48
C THR A 260 3.81 12.03 31.65
N ALA A 261 4.28 11.45 32.72
CA ALA A 261 5.70 11.30 32.93
C ALA A 261 6.46 10.57 31.82
N PHE A 262 5.70 9.82 31.03
CA PHE A 262 6.29 8.98 29.99
C PHE A 262 6.08 9.49 28.58
N GLU A 263 5.59 10.71 28.46
CA GLU A 263 5.20 11.30 27.17
C GLU A 263 6.34 11.24 26.15
N VAL A 264 5.96 10.93 24.90
CA VAL A 264 6.96 10.91 23.84
C VAL A 264 7.38 12.36 23.59
N SER A 265 8.62 12.68 23.87
CA SER A 265 9.10 14.08 23.81
C SER A 265 10.21 14.29 22.77
N ASP A 266 10.58 13.30 22.01
CA ASP A 266 11.58 13.43 20.96
C ASP A 266 11.06 14.36 19.90
N PRO A 267 11.77 15.47 19.67
CA PRO A 267 11.27 16.47 18.71
C PRO A 267 11.29 15.96 17.27
N THR A 268 12.13 14.96 17.00
CA THR A 268 12.20 14.46 15.61
C THR A 268 10.93 13.70 15.22
N ARG A 269 10.00 13.49 16.16
CA ARG A 269 8.73 12.85 15.81
C ARG A 269 7.94 13.69 14.81
N SER A 270 8.35 14.95 14.58
CA SER A 270 7.81 15.72 13.48
C SER A 270 7.94 15.02 12.14
N ILE A 271 8.95 14.17 12.00
CA ILE A 271 9.13 13.43 10.74
C ILE A 271 7.94 12.48 10.52
N PHE A 272 7.52 11.81 11.60
CA PHE A 272 6.34 10.96 11.57
C PHE A 272 5.09 11.79 11.28
N PHE A 273 4.92 12.95 11.90
CA PHE A 273 3.74 13.75 11.58
C PHE A 273 3.74 14.24 10.13
N ASP A 274 4.92 14.59 9.63
CA ASP A 274 5.10 14.95 8.22
C ASP A 274 4.70 13.82 7.28
N ALA A 275 4.84 12.59 7.75
CA ALA A 275 4.51 11.43 6.94
C ALA A 275 3.02 11.24 6.74
N VAL A 276 2.16 11.86 7.55
CA VAL A 276 0.73 11.77 7.31
C VAL A 276 0.43 12.21 5.87
N GLU A 277 0.84 13.43 5.54
CA GLU A 277 0.63 13.91 4.17
C GLU A 277 1.73 13.49 3.23
N GLY A 278 2.94 13.26 3.68
CA GLY A 278 4.08 12.99 2.80
C GLY A 278 4.10 11.53 2.33
N SER A 279 3.62 10.61 3.16
CA SER A 279 3.68 9.18 2.88
C SER A 279 2.36 8.54 2.73
N PHE A 280 1.44 8.77 3.68
CA PHE A 280 0.19 8.02 3.74
C PHE A 280 -0.88 8.60 2.84
N ALA A 281 -1.12 9.91 2.91
CA ALA A 281 -2.24 10.46 2.17
C ALA A 281 -2.17 10.22 0.66
N PRO A 282 -1.00 10.29 0.01
CA PRO A 282 -1.03 10.12 -1.46
C PRO A 282 -1.43 8.74 -1.92
N VAL A 283 -1.25 7.72 -1.07
CA VAL A 283 -1.59 6.32 -1.40
C VAL A 283 -2.95 5.89 -0.82
N MET A 284 -3.71 6.83 -0.23
CA MET A 284 -5.06 6.63 0.19
C MET A 284 -5.98 7.04 -0.95
N ILE A 285 -6.90 6.17 -1.37
CA ILE A 285 -7.75 6.42 -2.53
C ILE A 285 -9.16 6.14 -2.07
N ASN A 286 -9.92 7.22 -1.83
CA ASN A 286 -11.32 7.05 -1.41
C ASN A 286 -11.49 6.05 -0.25
N GLY A 287 -10.56 6.11 0.71
CA GLY A 287 -10.67 5.24 1.88
C GLY A 287 -9.88 3.93 1.84
N ALA A 288 -9.28 3.63 0.70
CA ALA A 288 -8.50 2.38 0.59
C ALA A 288 -7.01 2.70 0.43
N MET A 289 -6.14 1.91 1.09
CA MET A 289 -4.72 1.95 0.74
C MET A 289 -4.49 1.32 -0.58
N ALA A 290 -3.69 1.88 -1.47
CA ALA A 290 -3.42 1.35 -2.78
C ALA A 290 -2.82 -0.06 -2.68
N ASP A 291 -3.27 -0.98 -3.54
CA ASP A 291 -2.77 -2.34 -3.53
C ASP A 291 -1.28 -2.40 -3.73
N ALA A 292 -0.74 -1.51 -4.56
CA ALA A 292 0.66 -1.53 -4.91
C ALA A 292 1.57 -1.27 -3.72
N VAL A 293 1.04 -0.73 -2.61
CA VAL A 293 1.87 -0.46 -1.43
C VAL A 293 1.51 -1.32 -0.23
N ARG A 294 0.78 -2.45 -0.47
CA ARG A 294 0.37 -3.29 0.64
C ARG A 294 0.86 -4.74 0.49
N GLY A 295 1.81 -4.96 -0.40
CA GLY A 295 2.53 -6.23 -0.46
C GLY A 295 1.60 -7.41 -0.45
N ARG A 296 1.92 -8.41 0.38
CA ARG A 296 1.20 -9.71 0.31
C ARG A 296 -0.20 -9.62 0.84
N SER A 297 -0.58 -8.54 1.50
CA SER A 297 -1.92 -8.43 2.06
C SER A 297 -3.01 -8.38 0.98
N ILE A 298 -2.69 -8.15 -0.31
CA ILE A 298 -3.68 -8.25 -1.35
C ILE A 298 -4.42 -9.58 -1.35
N SER A 299 -3.72 -10.63 -0.90
CA SER A 299 -4.24 -11.98 -0.85
C SER A 299 -5.21 -12.23 0.28
N ARG A 300 -5.51 -11.25 1.14
CA ARG A 300 -6.29 -11.45 2.33
C ARG A 300 -7.71 -10.96 2.15
N GLU A 301 -8.66 -11.90 2.18
CA GLU A 301 -10.05 -11.54 1.99
C GLU A 301 -10.57 -10.58 3.02
N ALA A 302 -10.04 -10.62 4.24
CA ALA A 302 -10.54 -9.80 5.33
C ALA A 302 -9.42 -8.91 5.91
N ASN A 303 -8.45 -8.56 5.10
CA ASN A 303 -7.48 -7.50 5.44
C ASN A 303 -7.22 -6.76 4.13
N THR A 304 -8.21 -5.95 3.74
CA THR A 304 -8.27 -5.36 2.41
C THR A 304 -7.70 -3.94 2.41
N GLY A 305 -7.69 -3.30 1.23
CA GLY A 305 -7.25 -1.92 1.17
C GLY A 305 -8.17 -1.02 1.98
N TYR A 306 -9.44 -1.35 2.08
CA TYR A 306 -10.37 -0.59 2.89
C TYR A 306 -10.22 -0.87 4.38
N ASP A 307 -9.90 -2.09 4.76
CA ASP A 307 -9.63 -2.36 6.17
C ASP A 307 -8.40 -1.54 6.61
N LEU A 308 -7.34 -1.56 5.78
CA LEU A 308 -6.13 -0.86 6.15
C LEU A 308 -6.34 0.67 6.07
N GLY A 309 -7.07 1.15 5.07
CA GLY A 309 -7.34 2.57 4.99
C GLY A 309 -8.16 3.01 6.19
N ALA A 310 -9.13 2.23 6.65
CA ALA A 310 -9.97 2.58 7.80
C ALA A 310 -9.09 2.67 9.04
N SER A 311 -8.13 1.73 9.21
CA SER A 311 -7.20 1.83 10.32
C SER A 311 -6.38 3.09 10.24
N ALA A 312 -5.92 3.43 9.03
CA ALA A 312 -5.16 4.67 8.90
C ALA A 312 -5.98 5.90 9.28
N ILE A 313 -7.25 5.93 8.89
CA ILE A 313 -8.16 7.05 9.23
C ILE A 313 -8.30 7.12 10.74
N GLU A 314 -8.57 5.99 11.42
CA GLU A 314 -8.68 6.01 12.86
C GLU A 314 -7.46 6.63 13.49
N ALA A 315 -6.29 6.15 13.04
CA ALA A 315 -5.06 6.62 13.61
C ALA A 315 -4.81 8.11 13.40
N ILE A 316 -5.06 8.57 12.19
CA ILE A 316 -4.89 10.01 11.87
C ILE A 316 -5.82 10.87 12.70
N LEU A 317 -7.07 10.42 12.84
CA LEU A 317 -8.02 11.15 13.67
C LEU A 317 -7.55 11.22 15.12
N LEU A 318 -7.02 10.12 15.63
CA LEU A 318 -6.57 10.08 16.98
C LEU A 318 -5.36 11.03 17.15
N LEU A 319 -4.39 11.00 16.24
CA LEU A 319 -3.25 11.88 16.28
C LEU A 319 -3.65 13.32 16.14
N ALA A 320 -4.64 13.63 15.37
CA ALA A 320 -5.03 15.01 15.08
C ALA A 320 -5.42 15.72 16.37
N ARG A 321 -5.91 14.98 17.38
CA ARG A 321 -6.35 15.62 18.64
C ARG A 321 -5.22 16.39 19.32
N ALA A 322 -3.98 16.03 19.08
CA ALA A 322 -2.82 16.65 19.71
C ALA A 322 -2.03 17.61 18.87
N MET A 323 -2.47 17.85 17.65
CA MET A 323 -1.70 18.67 16.73
C MET A 323 -2.08 20.13 16.86
N ASP A 324 -1.26 20.95 16.26
CA ASP A 324 -1.55 22.37 16.16
C ASP A 324 -2.83 22.52 15.34
N PRO A 325 -3.57 23.62 15.55
CA PRO A 325 -4.92 23.73 14.96
C PRO A 325 -4.94 23.56 13.41
N ALA A 326 -4.02 24.19 12.69
CA ALA A 326 -4.08 24.09 11.23
C ALA A 326 -3.85 22.65 10.79
N THR A 327 -2.89 21.99 11.39
CA THR A 327 -2.60 20.60 10.96
C THR A 327 -3.74 19.65 11.36
N ALA A 328 -4.32 19.85 12.55
CA ALA A 328 -5.47 19.08 12.96
C ALA A 328 -6.60 19.19 11.99
N ALA A 329 -6.94 20.42 11.56
CA ALA A 329 -8.02 20.62 10.67
C ALA A 329 -7.71 20.04 9.26
N ARG A 330 -6.46 20.16 8.81
CA ARG A 330 -6.07 19.60 7.50
C ARG A 330 -6.29 18.05 7.52
N TRP A 331 -5.78 17.41 8.57
CA TRP A 331 -5.87 15.93 8.66
C TRP A 331 -7.32 15.52 8.78
N ARG A 332 -8.12 16.28 9.58
CA ARG A 332 -9.52 16.00 9.65
C ARG A 332 -10.27 16.17 8.33
N GLY A 333 -9.89 17.21 7.55
CA GLY A 333 -10.51 17.35 6.24
C GLY A 333 -10.18 16.22 5.30
N LEU A 334 -8.92 15.83 5.32
CA LEU A 334 -8.52 14.65 4.52
C LEU A 334 -9.33 13.40 4.88
N CYS A 335 -9.47 13.16 6.18
CA CYS A 335 -10.23 11.99 6.64
C CYS A 335 -11.69 12.11 6.34
N ALA A 336 -12.29 13.34 6.47
CA ALA A 336 -13.70 13.50 6.15
C ALA A 336 -13.94 13.14 4.69
N GLY A 337 -13.00 13.48 3.78
CA GLY A 337 -13.10 13.16 2.38
C GLY A 337 -12.99 11.65 2.11
N TRP A 338 -12.01 10.98 2.71
CA TRP A 338 -11.87 9.53 2.57
C TRP A 338 -13.09 8.82 3.12
N ILE A 339 -13.75 9.37 4.15
CA ILE A 339 -14.93 8.73 4.70
C ILE A 339 -16.10 8.99 3.77
N ALA A 340 -16.34 10.26 3.41
CA ALA A 340 -17.52 10.67 2.67
C ALA A 340 -17.62 10.02 1.28
N ARG A 341 -16.47 9.91 0.63
CA ARG A 341 -16.49 9.40 -0.72
C ARG A 341 -16.63 7.87 -0.77
N ASP A 342 -16.42 7.20 0.37
CA ASP A 342 -16.46 5.76 0.40
C ASP A 342 -17.83 5.24 0.84
N THR A 343 -18.67 5.04 -0.18
CA THR A 343 -19.98 4.44 -0.02
C THR A 343 -19.98 2.91 -0.18
N TYR A 344 -18.80 2.34 -0.47
CA TYR A 344 -18.67 0.93 -0.81
C TYR A 344 -18.38 0.08 0.43
N ARG A 345 -17.48 0.55 1.27
CA ARG A 345 -17.25 -0.07 2.59
C ARG A 345 -17.27 1.02 3.62
N PRO A 346 -18.46 1.56 3.91
CA PRO A 346 -18.54 2.68 4.86
C PRO A 346 -17.80 2.35 6.15
N ILE A 347 -17.08 3.33 6.65
CA ILE A 347 -16.18 3.06 7.79
C ILE A 347 -16.90 2.61 9.04
N LEU A 348 -18.14 3.05 9.25
CA LEU A 348 -18.86 2.63 10.46
C LEU A 348 -19.38 1.24 10.39
N ASN A 349 -19.48 0.59 9.24
CA ASN A 349 -20.00 -0.76 9.23
C ASN A 349 -18.96 -1.70 9.99
N SER A 350 -19.37 -2.41 11.04
CA SER A 350 -18.49 -3.30 11.87
C SER A 350 -17.33 -2.56 12.59
N ALA A 351 -17.34 -1.24 12.67
CA ALA A 351 -16.36 -0.48 13.40
C ALA A 351 -16.41 -0.76 14.86
N SER A 352 -15.27 -0.76 15.51
CA SER A 352 -15.18 -0.84 16.97
C SER A 352 -15.81 0.38 17.62
N VAL A 353 -15.99 0.31 18.94
CA VAL A 353 -16.46 1.47 19.68
C VAL A 353 -15.46 2.61 19.59
N PRO A 354 -14.16 2.37 19.79
CA PRO A 354 -13.22 3.52 19.65
C PRO A 354 -13.26 4.15 18.23
N ARG A 355 -13.32 3.34 17.19
CA ARG A 355 -13.32 3.86 15.84
C ARG A 355 -14.60 4.69 15.64
N THR A 356 -15.70 4.16 16.10
CA THR A 356 -17.00 4.85 16.01
C THR A 356 -16.91 6.21 16.66
N ALA A 357 -16.34 6.28 17.86
CA ALA A 357 -16.22 7.52 18.55
C ALA A 357 -15.38 8.54 17.80
N LEU A 358 -14.25 8.12 17.23
CA LEU A 358 -13.39 9.06 16.50
C LEU A 358 -14.13 9.59 15.25
N VAL A 359 -14.87 8.74 14.57
CA VAL A 359 -15.60 9.12 13.37
C VAL A 359 -16.74 10.09 13.77
N LYS A 360 -17.43 9.80 14.87
CA LYS A 360 -18.48 10.74 15.38
C LYS A 360 -17.89 12.06 15.83
N GLN A 361 -16.75 12.09 16.48
CA GLN A 361 -16.03 13.30 16.94
C GLN A 361 -15.69 14.14 15.66
N LEU A 362 -15.21 13.51 14.60
CA LEU A 362 -14.90 14.19 13.33
C LEU A 362 -16.13 14.82 12.79
N GLU A 363 -17.18 14.10 12.65
CA GLU A 363 -18.43 14.63 12.14
CA GLU A 363 -18.46 14.65 12.23
C GLU A 363 -18.98 15.80 12.98
C GLU A 363 -18.75 15.98 13.02
N ALA A 364 -18.72 15.83 14.32
CA ALA A 364 -19.08 16.97 15.23
C ALA A 364 -18.19 18.21 15.11
N THR A 365 -16.92 18.11 14.64
CA THR A 365 -16.10 19.27 14.34
C THR A 365 -16.66 20.12 13.18
N GLY A 366 -17.49 19.55 12.34
CA GLY A 366 -17.92 20.22 11.11
C GLY A 366 -16.83 20.49 10.08
N VAL A 367 -15.62 19.95 10.26
CA VAL A 367 -14.54 20.13 9.26
C VAL A 367 -15.01 19.52 7.93
N ALA A 368 -14.97 20.27 6.78
CA ALA A 368 -15.54 19.84 5.45
C ALA A 368 -14.58 18.75 4.76
N PRO A 369 -15.14 17.90 3.89
CA PRO A 369 -14.34 16.89 3.15
C PRO A 369 -13.43 17.53 2.14
N VAL A 370 -12.18 17.10 2.14
CA VAL A 370 -11.19 17.62 1.21
C VAL A 370 -11.06 16.60 0.10
N ALA A 371 -11.11 17.09 -1.12
CA ALA A 371 -10.93 16.27 -2.34
C ALA A 371 -9.49 15.84 -2.47
N GLU A 372 -9.27 14.72 -3.16
CA GLU A 372 -7.90 14.28 -3.49
C GLU A 372 -7.36 15.19 -4.59
N ALA A 373 -6.18 15.73 -4.38
CA ALA A 373 -5.66 16.71 -5.33
C ALA A 373 -5.30 16.00 -6.66
N THR A 374 -5.59 16.66 -7.77
CA THR A 374 -5.12 16.19 -9.05
C THR A 374 -3.60 16.26 -9.14
N GLY A 375 -3.04 15.53 -10.05
CA GLY A 375 -1.61 15.61 -10.33
C GLY A 375 -0.83 14.42 -9.82
N HIS A 376 0.47 14.61 -9.65
CA HIS A 376 1.43 13.50 -9.55
C HIS A 376 2.12 13.47 -8.23
N LYS A 377 2.29 12.28 -7.66
CA LYS A 377 3.10 12.08 -6.45
C LYS A 377 4.00 10.91 -6.75
N LEU A 378 5.30 11.14 -6.77
CA LEU A 378 6.28 10.13 -7.13
C LEU A 378 6.98 9.63 -5.92
N PHE A 379 7.29 8.33 -5.85
CA PHE A 379 8.02 7.72 -4.77
C PHE A 379 9.16 6.91 -5.31
N PRO A 380 10.20 7.57 -5.85
CA PRO A 380 11.27 6.79 -6.50
C PRO A 380 11.97 5.79 -5.61
N ALA A 381 12.08 5.99 -4.29
CA ALA A 381 12.79 5.02 -3.47
C ALA A 381 12.06 3.70 -3.44
N MET A 382 10.77 3.67 -3.69
CA MET A 382 10.05 2.39 -3.65
C MET A 382 9.42 2.07 -5.00
N ASP A 383 9.84 2.69 -6.11
CA ASP A 383 9.38 2.30 -7.44
C ASP A 383 7.86 2.36 -7.52
N ARG A 384 7.26 3.45 -6.98
CA ARG A 384 5.80 3.64 -7.01
C ARG A 384 5.51 5.06 -7.41
N THR A 385 4.44 5.25 -8.18
CA THR A 385 3.93 6.57 -8.52
C THR A 385 2.42 6.53 -8.38
N MET A 386 1.89 7.70 -8.11
CA MET A 386 0.46 7.99 -8.00
C MET A 386 0.13 9.17 -8.91
N HIS A 387 -1.03 9.05 -9.56
CA HIS A 387 -1.43 10.07 -10.52
C HIS A 387 -2.93 10.26 -10.41
N ARG A 388 -3.42 11.49 -10.37
CA ARG A 388 -4.82 11.73 -10.24
C ARG A 388 -5.37 12.71 -11.24
N GLY A 389 -6.61 12.49 -11.65
CA GLY A 389 -7.39 13.47 -12.37
C GLY A 389 -8.82 13.31 -11.98
N PRO A 390 -9.73 14.14 -12.49
CA PRO A 390 -11.12 14.08 -12.06
C PRO A 390 -11.74 12.69 -12.29
N GLY A 391 -12.09 12.01 -11.19
CA GLY A 391 -12.73 10.72 -11.25
C GLY A 391 -11.74 9.54 -11.27
N TRP A 392 -10.43 9.74 -11.17
CA TRP A 392 -9.55 8.54 -11.25
C TRP A 392 -8.25 8.78 -10.53
N ALA A 393 -7.63 7.64 -10.14
CA ALA A 393 -6.29 7.61 -9.59
C ALA A 393 -5.56 6.42 -10.21
N LEU A 394 -4.45 6.68 -10.82
CA LEU A 394 -3.59 5.65 -11.35
C LEU A 394 -2.48 5.40 -10.36
N SER A 395 -2.31 4.10 -10.03
CA SER A 395 -1.20 3.64 -9.23
C SER A 395 -0.38 2.68 -10.10
N LEU A 396 0.88 2.98 -10.32
CA LEU A 396 1.79 2.13 -11.07
C LEU A 396 2.64 1.28 -10.16
N ALA A 397 2.80 0.01 -10.51
CA ALA A 397 3.58 -0.92 -9.68
C ALA A 397 4.75 -1.46 -10.52
N LEU A 398 5.94 -0.99 -10.20
CA LEU A 398 7.15 -1.33 -10.92
C LEU A 398 8.00 -2.30 -10.05
N SER A 399 9.15 -2.69 -10.53
CA SER A 399 10.14 -3.45 -9.81
C SER A 399 11.50 -3.11 -10.41
N SER A 400 12.59 -3.39 -9.73
CA SER A 400 13.91 -2.99 -10.23
C SER A 400 14.98 -3.70 -9.41
N ASN A 401 16.24 -3.32 -9.66
CA ASN A 401 17.32 -3.84 -8.88
C ASN A 401 17.30 -3.41 -7.42
N ARG A 402 16.37 -2.52 -7.05
CA ARG A 402 16.14 -2.19 -5.66
C ARG A 402 14.86 -2.77 -5.05
N ILE A 403 13.87 -3.15 -5.88
CA ILE A 403 12.53 -3.46 -5.45
C ILE A 403 12.07 -4.76 -6.05
N ALA A 404 11.66 -5.68 -5.18
CA ALA A 404 11.30 -7.05 -5.56
C ALA A 404 10.05 -7.06 -6.43
N TRP A 405 9.96 -8.07 -7.32
CA TRP A 405 8.73 -8.35 -8.08
C TRP A 405 7.53 -8.43 -7.18
N TYR A 406 7.65 -9.09 -6.01
CA TYR A 406 6.58 -9.30 -5.08
C TYR A 406 7.06 -9.89 -3.80
N GLU A 407 6.23 -9.76 -2.75
CA GLU A 407 6.42 -10.50 -1.53
C GLU A 407 5.37 -11.58 -1.43
N CYS A 408 5.81 -12.82 -1.24
CA CYS A 408 4.97 -13.89 -0.74
C CYS A 408 5.57 -14.42 0.54
N GLY A 409 4.76 -15.02 1.40
CA GLY A 409 5.27 -15.52 2.67
C GLY A 409 4.12 -16.03 3.50
N ASN A 410 4.40 -16.98 4.41
CA ASN A 410 3.37 -17.52 5.31
C ASN A 410 2.13 -18.04 4.56
N GLY A 411 2.31 -18.51 3.33
CA GLY A 411 1.21 -19.04 2.56
C GLY A 411 0.36 -17.97 1.91
N GLU A 412 0.87 -16.74 1.82
CA GLU A 412 0.12 -15.60 1.32
C GLU A 412 0.76 -15.04 0.06
N ASN A 413 -0.03 -14.78 -0.97
CA ASN A 413 0.38 -14.13 -2.21
C ASN A 413 1.42 -14.91 -3.00
N ASN A 414 1.38 -16.22 -2.88
CA ASN A 414 2.35 -17.04 -3.62
C ASN A 414 2.19 -16.91 -5.14
N ARG A 415 1.03 -16.46 -5.61
CA ARG A 415 0.79 -16.31 -7.06
C ARG A 415 1.02 -14.89 -7.57
N GLY A 416 1.48 -13.99 -6.71
CA GLY A 416 1.60 -12.57 -7.08
C GLY A 416 2.83 -12.15 -7.87
N TYR A 417 3.48 -13.07 -8.55
CA TYR A 417 4.75 -12.83 -9.17
C TYR A 417 4.78 -11.85 -10.35
N HIS A 418 3.61 -11.52 -10.93
CA HIS A 418 3.56 -10.50 -11.99
C HIS A 418 3.07 -9.13 -11.47
N THR A 419 2.86 -8.99 -10.17
CA THR A 419 2.28 -7.74 -9.64
C THR A 419 3.25 -6.58 -9.67
N GLY A 420 4.55 -6.85 -9.91
CA GLY A 420 5.54 -5.82 -10.09
C GLY A 420 6.02 -5.65 -11.52
N SER A 421 5.21 -6.12 -12.48
CA SER A 421 5.59 -6.10 -13.91
C SER A 421 4.99 -4.94 -14.66
N GLY A 422 4.84 -3.80 -13.98
CA GLY A 422 4.28 -2.62 -14.62
C GLY A 422 2.79 -2.56 -14.56
N MET A 423 2.22 -2.92 -13.41
CA MET A 423 0.74 -2.82 -13.31
C MET A 423 0.20 -1.41 -13.36
N THR A 424 -0.91 -1.25 -14.04
CA THR A 424 -1.67 -0.01 -14.09
C THR A 424 -3.01 -0.19 -13.40
N TYR A 425 -3.04 0.18 -12.12
CA TYR A 425 -4.31 0.17 -11.35
C TYR A 425 -5.01 1.50 -11.63
N PHE A 426 -6.15 1.43 -12.28
CA PHE A 426 -7.00 2.64 -12.45
C PHE A 426 -8.14 2.60 -11.46
N TYR A 427 -7.96 3.24 -10.33
CA TYR A 427 -9.02 3.42 -9.32
C TYR A 427 -10.00 4.46 -9.84
N THR A 428 -11.29 4.22 -9.63
CA THR A 428 -12.33 5.13 -10.13
C THR A 428 -13.51 5.11 -9.17
N SER A 429 -14.64 5.65 -9.57
CA SER A 429 -15.87 5.61 -8.78
C SER A 429 -16.36 4.15 -8.63
N ASP A 430 -15.81 3.18 -9.39
CA ASP A 430 -16.01 1.74 -9.16
C ASP A 430 -15.13 1.40 -7.96
N LEU A 431 -15.61 1.71 -6.75
CA LEU A 431 -14.81 1.64 -5.55
C LEU A 431 -14.38 0.19 -5.25
N GLY A 432 -15.22 -0.76 -5.65
CA GLY A 432 -14.93 -2.17 -5.47
C GLY A 432 -14.07 -2.82 -6.52
N GLN A 433 -13.51 -2.08 -7.49
CA GLN A 433 -12.77 -2.68 -8.60
C GLN A 433 -11.76 -3.75 -8.15
N TYR A 434 -10.88 -3.34 -7.21
CA TYR A 434 -9.78 -4.19 -6.80
C TYR A 434 -10.09 -4.94 -5.52
N ASP A 435 -11.30 -4.70 -4.94
CA ASP A 435 -11.71 -5.28 -3.69
C ASP A 435 -12.73 -6.39 -3.80
N ASP A 436 -13.54 -6.38 -4.87
CA ASP A 436 -14.73 -7.27 -4.93
C ASP A 436 -14.31 -8.60 -5.52
N ALA A 437 -13.58 -9.38 -4.72
CA ALA A 437 -13.03 -10.67 -5.10
C ALA A 437 -12.08 -10.55 -6.30
N PHE A 438 -11.51 -9.38 -6.52
CA PHE A 438 -10.51 -9.26 -7.59
C PHE A 438 -9.35 -10.21 -7.41
N TRP A 439 -8.78 -10.27 -6.21
CA TRP A 439 -7.60 -11.08 -6.02
C TRP A 439 -7.95 -12.56 -5.89
N ALA A 440 -9.20 -12.93 -5.73
CA ALA A 440 -9.57 -14.33 -5.78
C ALA A 440 -9.81 -14.81 -7.19
N THR A 441 -10.17 -13.93 -8.12
CA THR A 441 -10.66 -14.36 -9.45
C THR A 441 -9.80 -13.87 -10.61
N ALA A 442 -9.00 -12.81 -10.42
CA ALA A 442 -8.26 -12.25 -11.54
C ALA A 442 -7.30 -13.24 -12.13
N ASN A 443 -6.97 -13.02 -13.40
CA ASN A 443 -5.93 -13.79 -14.07
C ASN A 443 -4.56 -13.24 -13.64
N TYR A 444 -3.85 -13.96 -12.79
CA TYR A 444 -2.58 -13.52 -12.29
C TYR A 444 -1.47 -13.45 -13.36
N ASN A 445 -1.77 -13.97 -14.55
CA ASN A 445 -0.90 -13.87 -15.71
C ASN A 445 -1.33 -12.79 -16.66
N ARG A 446 -2.40 -12.06 -16.37
CA ARG A 446 -2.90 -10.99 -17.24
C ARG A 446 -3.34 -9.76 -16.40
N LEU A 447 -2.55 -9.40 -15.40
CA LEU A 447 -2.88 -8.28 -14.54
C LEU A 447 -2.81 -6.97 -15.38
N PRO A 448 -3.63 -5.98 -15.08
CA PRO A 448 -3.67 -4.78 -15.95
C PRO A 448 -2.35 -4.10 -16.06
N GLY A 449 -1.95 -3.76 -17.30
CA GLY A 449 -0.78 -2.94 -17.56
C GLY A 449 0.45 -3.77 -17.85
N ILE A 450 0.56 -5.01 -17.36
CA ILE A 450 1.83 -5.69 -17.40
C ILE A 450 2.25 -6.09 -18.79
N THR A 451 3.56 -6.34 -18.94
CA THR A 451 4.04 -7.21 -20.04
C THR A 451 4.41 -8.53 -19.40
N VAL A 452 4.06 -9.65 -20.09
CA VAL A 452 4.11 -10.95 -19.47
C VAL A 452 4.48 -12.00 -20.50
N ASP A 453 5.47 -12.79 -20.13
CA ASP A 453 5.82 -14.03 -20.82
C ASP A 453 4.81 -15.08 -20.38
N THR A 454 4.09 -15.74 -21.28
CA THR A 454 3.00 -16.64 -20.96
C THR A 454 3.51 -17.98 -20.41
N THR A 455 4.80 -18.18 -20.23
CA THR A 455 5.32 -19.37 -19.54
C THR A 455 4.65 -19.45 -18.15
N PRO A 456 4.02 -20.58 -17.82
CA PRO A 456 3.49 -20.69 -16.45
C PRO A 456 4.60 -20.69 -15.45
N LEU A 457 4.39 -19.98 -14.32
CA LEU A 457 5.38 -19.92 -13.24
C LEU A 457 4.81 -20.62 -12.00
N PRO A 458 5.63 -21.27 -11.23
CA PRO A 458 5.17 -21.96 -10.00
C PRO A 458 4.84 -20.90 -8.95
N ASP A 459 3.95 -21.28 -8.05
CA ASP A 459 3.78 -20.49 -6.81
C ASP A 459 5.11 -20.36 -6.12
N LYS A 460 5.39 -19.16 -5.59
CA LYS A 460 6.63 -18.88 -4.87
C LYS A 460 7.84 -18.80 -5.78
N VAL A 461 7.65 -18.62 -7.10
CA VAL A 461 8.79 -18.40 -7.98
C VAL A 461 9.59 -17.18 -7.46
N GLU A 462 10.92 -17.23 -7.55
CA GLU A 462 11.81 -16.19 -7.10
C GLU A 462 11.97 -16.13 -5.56
N GLY A 463 11.28 -17.01 -4.84
CA GLY A 463 11.41 -17.11 -3.40
C GLY A 463 10.46 -16.20 -2.62
N GLN A 464 10.35 -16.51 -1.34
CA GLN A 464 9.55 -15.75 -0.39
C GLN A 464 10.27 -14.50 0.11
N TRP A 465 9.49 -13.61 0.71
CA TRP A 465 10.04 -12.47 1.44
C TRP A 465 10.81 -11.52 0.57
N GLY A 466 10.45 -11.44 -0.72
CA GLY A 466 11.06 -10.46 -1.59
C GLY A 466 12.56 -10.61 -1.67
N ALA A 467 13.05 -11.86 -1.54
CA ALA A 467 14.47 -12.11 -1.48
C ALA A 467 15.18 -11.82 -2.81
N ALA A 468 14.48 -11.89 -3.94
CA ALA A 468 15.07 -11.68 -5.25
C ALA A 468 14.49 -10.43 -5.90
N VAL A 469 15.34 -9.67 -6.59
CA VAL A 469 14.91 -8.52 -7.31
C VAL A 469 15.38 -8.64 -8.77
N PRO A 470 14.66 -8.03 -9.72
CA PRO A 470 15.10 -8.08 -11.13
C PRO A 470 16.39 -7.29 -11.33
N ALA A 471 17.36 -7.84 -12.03
CA ALA A 471 18.63 -7.19 -12.32
C ALA A 471 18.42 -6.29 -13.54
N ASP A 472 17.62 -5.24 -13.44
CA ASP A 472 17.24 -4.40 -14.53
C ASP A 472 18.13 -3.16 -14.63
N GLU A 473 17.94 -2.41 -15.69
CA GLU A 473 18.74 -1.21 -15.88
C GLU A 473 18.28 -0.07 -14.99
N TRP A 474 16.95 0.19 -14.95
CA TRP A 474 16.38 1.18 -14.04
C TRP A 474 14.86 1.12 -14.12
N SER A 475 14.28 1.63 -13.04
CA SER A 475 12.88 2.04 -12.95
C SER A 475 12.85 3.40 -12.28
N GLY A 476 11.96 4.31 -12.66
CA GLY A 476 11.99 5.64 -12.11
C GLY A 476 11.01 6.57 -12.77
N ALA A 477 11.05 7.85 -12.39
CA ALA A 477 10.04 8.77 -12.82
C ALA A 477 10.43 10.21 -12.62
N THR A 478 9.76 11.10 -13.35
CA THR A 478 9.77 12.54 -13.06
C THR A 478 8.43 13.13 -13.40
N ALA A 479 8.21 14.39 -13.06
CA ALA A 479 6.99 15.07 -13.41
C ALA A 479 7.19 16.55 -13.38
N LEU A 480 6.55 17.22 -14.35
CA LEU A 480 6.52 18.70 -14.40
C LEU A 480 5.11 19.11 -14.54
N GLY A 481 4.59 19.87 -13.60
CA GLY A 481 3.19 20.32 -13.70
C GLY A 481 2.23 19.14 -13.89
N GLU A 482 1.41 19.20 -14.95
CA GLU A 482 0.41 18.23 -15.12
C GLU A 482 0.86 16.94 -15.78
N VAL A 483 2.14 16.80 -16.13
CA VAL A 483 2.60 15.62 -16.87
C VAL A 483 3.70 14.89 -16.16
N ALA A 484 3.56 13.57 -16.06
CA ALA A 484 4.62 12.69 -15.52
C ALA A 484 5.20 11.78 -16.63
N ALA A 485 6.46 11.39 -16.45
CA ALA A 485 7.12 10.39 -17.26
C ALA A 485 7.60 9.32 -16.28
N VAL A 486 7.21 8.06 -16.53
CA VAL A 486 7.59 6.96 -15.67
C VAL A 486 8.17 5.87 -16.57
N GLY A 487 9.26 5.23 -16.16
CA GLY A 487 9.85 4.16 -16.94
C GLY A 487 10.19 2.95 -16.09
N GLN A 488 10.09 1.79 -16.72
CA GLN A 488 10.53 0.55 -16.10
C GLN A 488 11.19 -0.35 -17.11
N HIS A 489 12.43 -0.75 -16.89
CA HIS A 489 13.03 -1.86 -17.63
C HIS A 489 12.53 -3.12 -16.94
N LEU A 490 11.62 -3.82 -17.53
CA LEU A 490 11.05 -5.03 -16.94
C LEU A 490 11.97 -6.21 -17.29
N VAL A 491 12.38 -6.93 -16.27
CA VAL A 491 13.05 -8.23 -16.39
C VAL A 491 12.07 -9.25 -15.80
N GLY A 492 11.64 -10.24 -16.56
CA GLY A 492 10.60 -11.10 -16.06
C GLY A 492 11.05 -12.04 -14.96
N PRO A 493 10.10 -12.37 -14.03
CA PRO A 493 10.39 -13.36 -13.00
C PRO A 493 10.46 -14.77 -13.62
N GLY A 494 11.12 -15.67 -12.90
CA GLY A 494 11.16 -17.05 -13.36
C GLY A 494 12.19 -17.41 -14.42
N ARG A 495 13.15 -16.53 -14.64
CA ARG A 495 14.27 -16.82 -15.53
C ARG A 495 13.86 -17.16 -16.97
N THR A 496 12.75 -16.59 -17.41
CA THR A 496 12.35 -16.76 -18.77
C THR A 496 13.16 -15.99 -19.80
N GLY A 497 13.84 -14.93 -19.31
CA GLY A 497 14.58 -14.04 -20.16
C GLY A 497 13.74 -12.92 -20.73
N LEU A 498 12.49 -12.77 -20.27
CA LEU A 498 11.68 -11.68 -20.73
C LEU A 498 12.34 -10.33 -20.43
N THR A 499 12.40 -9.44 -21.41
CA THR A 499 12.80 -8.06 -21.24
C THR A 499 11.82 -7.18 -21.98
N ALA A 500 11.55 -6.02 -21.40
CA ALA A 500 10.66 -5.06 -22.03
C ALA A 500 11.03 -3.70 -21.50
N ARG A 501 10.82 -2.67 -22.31
CA ARG A 501 11.01 -1.27 -21.89
C ARG A 501 9.62 -0.61 -21.88
N LYS A 502 9.10 -0.41 -20.67
CA LYS A 502 7.74 0.09 -20.47
C LYS A 502 7.80 1.50 -19.97
N SER A 503 7.07 2.41 -20.58
CA SER A 503 6.96 3.76 -20.09
C SER A 503 5.52 4.21 -20.04
N TRP A 504 5.27 5.16 -19.19
CA TRP A 504 3.96 5.74 -18.98
C TRP A 504 4.11 7.25 -18.97
N PHE A 505 3.25 7.94 -19.74
CA PHE A 505 3.29 9.37 -19.82
C PHE A 505 1.91 9.82 -19.44
N VAL A 506 1.79 10.47 -18.27
CA VAL A 506 0.48 10.63 -17.64
C VAL A 506 0.13 12.09 -17.54
N SER A 507 -0.98 12.50 -18.15
CA SER A 507 -1.40 13.87 -18.08
C SER A 507 -2.49 14.03 -17.02
N GLY A 508 -3.19 15.16 -17.05
CA GLY A 508 -4.30 15.37 -16.19
C GLY A 508 -5.52 14.56 -16.50
N ASP A 509 -5.55 13.91 -17.66
CA ASP A 509 -6.67 13.07 -18.05
C ASP A 509 -6.32 11.74 -18.59
N VAL A 510 -5.29 11.62 -19.42
CA VAL A 510 -5.04 10.38 -20.18
C VAL A 510 -3.67 9.82 -19.83
N THR A 511 -3.51 8.53 -19.92
CA THR A 511 -2.26 7.84 -19.70
C THR A 511 -1.83 7.19 -21.01
N VAL A 512 -0.67 7.58 -21.52
CA VAL A 512 -0.10 7.05 -22.77
C VAL A 512 0.92 5.98 -22.34
N CYS A 513 0.78 4.79 -22.84
CA CYS A 513 1.56 3.63 -22.48
C CYS A 513 2.38 3.16 -23.67
N LEU A 514 3.69 3.25 -23.56
CA LEU A 514 4.62 2.86 -24.65
C LEU A 514 5.47 1.67 -24.24
N GLY A 515 5.68 0.72 -25.14
CA GLY A 515 6.53 -0.40 -24.86
C GLY A 515 7.45 -0.64 -26.04
N ALA A 516 8.68 -1.05 -25.77
CA ALA A 516 9.64 -1.28 -26.81
C ALA A 516 10.65 -2.34 -26.39
N ASP A 517 11.38 -2.84 -27.38
CA ASP A 517 12.50 -3.72 -27.18
C ASP A 517 12.09 -4.99 -26.45
N ILE A 518 10.93 -5.53 -26.79
CA ILE A 518 10.38 -6.69 -26.10
C ILE A 518 10.88 -7.99 -26.71
N SER A 519 11.44 -8.87 -25.91
CA SER A 519 11.85 -10.22 -26.36
C SER A 519 11.91 -11.14 -25.12
N THR A 520 12.07 -12.42 -25.39
CA THR A 520 12.22 -13.35 -24.33
C THR A 520 13.07 -14.54 -24.79
N ALA A 521 13.50 -15.37 -23.86
CA ALA A 521 14.29 -16.56 -24.18
C ALA A 521 13.50 -17.85 -24.06
N SER A 522 12.25 -17.79 -23.61
CA SER A 522 11.51 -19.01 -23.26
C SER A 522 10.90 -19.73 -24.39
N GLY A 523 10.77 -19.10 -25.54
CA GLY A 523 9.98 -19.66 -26.63
C GLY A 523 8.50 -19.52 -26.57
N ALA A 524 7.98 -18.88 -25.50
CA ALA A 524 6.54 -18.68 -25.35
C ALA A 524 6.09 -17.34 -25.88
N LYS A 525 4.82 -17.20 -26.16
CA LYS A 525 4.23 -15.92 -26.51
C LYS A 525 4.38 -14.95 -25.36
N VAL A 526 4.51 -13.69 -25.72
CA VAL A 526 4.53 -12.58 -24.77
C VAL A 526 3.36 -11.68 -25.07
N GLU A 527 2.67 -11.22 -24.03
CA GLU A 527 1.51 -10.31 -24.09
C GLU A 527 1.77 -9.02 -23.34
N THR A 528 1.04 -8.01 -23.73
CA THR A 528 0.93 -6.79 -22.88
C THR A 528 -0.56 -6.53 -22.68
N ILE A 529 -0.91 -6.30 -21.42
CA ILE A 529 -2.30 -6.21 -20.99
C ILE A 529 -2.74 -4.74 -20.94
N VAL A 530 -3.56 -4.32 -21.88
CA VAL A 530 -4.16 -3.03 -21.85
C VAL A 530 -5.07 -2.86 -20.66
N ASP A 531 -5.92 -3.85 -20.42
CA ASP A 531 -6.66 -3.87 -19.14
C ASP A 531 -7.11 -5.24 -18.83
N HIS A 532 -7.38 -5.46 -17.54
CA HIS A 532 -8.04 -6.68 -17.05
C HIS A 532 -8.89 -6.13 -15.93
N ARG A 533 -10.17 -6.00 -16.21
CA ARG A 533 -11.04 -5.12 -15.47
C ARG A 533 -12.26 -5.85 -14.94
N ASN A 534 -12.44 -5.82 -13.64
CA ASN A 534 -13.51 -6.53 -12.94
C ASN A 534 -14.82 -5.82 -13.30
N LEU A 535 -15.77 -6.56 -13.86
CA LEU A 535 -17.08 -6.02 -14.16
C LEU A 535 -18.11 -6.49 -13.13
N HIS A 536 -17.68 -7.20 -12.09
CA HIS A 536 -18.57 -7.65 -11.02
C HIS A 536 -19.55 -8.65 -11.63
N GLN A 537 -20.85 -8.44 -11.57
CA GLN A 537 -21.80 -9.32 -12.33
C GLN A 537 -22.35 -8.63 -13.55
N GLY A 538 -21.69 -7.57 -13.96
CA GLY A 538 -22.20 -6.77 -15.07
C GLY A 538 -21.88 -7.35 -16.44
N SER A 539 -22.64 -6.83 -17.38
CA SER A 539 -22.49 -7.14 -18.82
C SER A 539 -22.07 -5.89 -19.66
N ASN A 540 -21.22 -5.08 -19.06
CA ASN A 540 -20.84 -3.75 -19.54
C ASN A 540 -20.40 -3.81 -20.99
N THR A 541 -21.02 -2.96 -21.80
CA THR A 541 -20.81 -2.99 -23.24
C THR A 541 -19.38 -2.49 -23.60
N LEU A 542 -18.76 -3.14 -24.58
CA LEU A 542 -17.50 -2.71 -25.19
C LEU A 542 -17.91 -2.13 -26.57
N THR A 543 -17.93 -0.81 -26.69
CA THR A 543 -18.30 -0.04 -27.92
C THR A 543 -17.07 0.20 -28.77
N THR A 544 -17.24 0.10 -30.10
CA THR A 544 -16.18 0.39 -31.07
C THR A 544 -16.75 1.24 -32.20
N ALA A 545 -15.85 1.71 -33.06
CA ALA A 545 -16.31 2.50 -34.23
C ALA A 545 -17.41 1.80 -35.00
N ALA A 546 -17.26 0.51 -35.15
CA ALA A 546 -18.21 -0.32 -35.95
C ALA A 546 -19.49 -0.74 -35.22
N GLY A 547 -19.48 -0.76 -33.90
CA GLY A 547 -20.63 -1.24 -33.17
C GLY A 547 -20.17 -1.60 -31.77
N THR A 548 -20.16 -2.88 -31.54
CA THR A 548 -19.65 -3.46 -30.27
C THR A 548 -18.71 -4.64 -30.53
N ILE A 549 -17.93 -5.01 -29.50
CA ILE A 549 -17.01 -6.12 -29.61
C ILE A 549 -17.17 -6.99 -28.35
N ALA A 550 -16.77 -8.25 -28.47
CA ALA A 550 -16.71 -9.19 -27.32
C ALA A 550 -18.04 -9.29 -26.57
N GLY A 551 -19.16 -9.40 -27.28
CA GLY A 551 -20.48 -9.50 -26.67
C GLY A 551 -20.74 -10.88 -26.10
N THR A 552 -19.97 -11.89 -26.49
CA THR A 552 -20.10 -13.25 -25.99
C THR A 552 -18.92 -13.61 -25.15
N ALA A 553 -19.23 -13.92 -23.90
CA ALA A 553 -18.23 -14.37 -22.97
C ALA A 553 -17.51 -15.58 -23.51
N GLY A 554 -16.19 -15.59 -23.41
CA GLY A 554 -15.32 -16.69 -23.71
C GLY A 554 -14.78 -16.76 -25.14
N THR A 555 -15.23 -15.86 -25.98
CA THR A 555 -14.74 -15.84 -27.39
C THR A 555 -13.94 -14.56 -27.64
N VAL A 556 -12.66 -14.69 -27.72
CA VAL A 556 -11.82 -13.49 -27.94
C VAL A 556 -12.03 -12.92 -29.38
N GLU A 557 -12.10 -11.62 -29.53
CA GLU A 557 -12.25 -10.96 -30.82
C GLU A 557 -11.15 -9.93 -31.00
N VAL A 558 -10.84 -9.63 -32.25
CA VAL A 558 -9.83 -8.64 -32.59
C VAL A 558 -10.53 -7.38 -33.00
N LEU A 559 -10.12 -6.22 -32.49
CA LEU A 559 -10.69 -4.96 -32.82
C LEU A 559 -10.53 -4.64 -34.32
N GLY A 560 -11.61 -4.25 -35.00
CA GLY A 560 -11.47 -3.72 -36.39
C GLY A 560 -10.50 -2.49 -36.46
N ASP A 561 -10.74 -1.60 -37.42
CA ASP A 561 -9.79 -0.52 -37.79
C ASP A 561 -9.90 0.84 -37.10
N GLY A 562 -11.02 1.11 -36.42
CA GLY A 562 -11.19 2.37 -35.70
C GLY A 562 -10.17 2.70 -34.54
N ARG A 563 -9.51 1.71 -34.11
CA ARG A 563 -8.42 1.76 -33.07
C ARG A 563 -8.83 2.12 -31.65
N TRP A 564 -10.12 2.29 -31.39
CA TRP A 564 -10.55 2.64 -30.04
C TRP A 564 -11.65 1.67 -29.56
N VAL A 565 -11.71 1.49 -28.25
CA VAL A 565 -12.79 0.74 -27.60
C VAL A 565 -13.19 1.51 -26.34
N HIS A 566 -14.49 1.57 -26.09
CA HIS A 566 -15.00 2.19 -24.88
C HIS A 566 -15.67 1.10 -24.03
N LEU A 567 -15.32 1.07 -22.76
CA LEU A 567 -15.95 0.10 -21.81
C LEU A 567 -16.95 0.86 -20.95
N GLU A 568 -18.25 0.48 -21.08
CA GLU A 568 -19.32 1.09 -20.32
C GLU A 568 -18.95 1.05 -18.80
N GLY A 569 -19.10 2.20 -18.19
CA GLY A 569 -18.87 2.35 -16.75
C GLY A 569 -17.38 2.56 -16.38
N PHE A 570 -16.49 2.63 -17.39
CA PHE A 570 -15.10 2.87 -17.16
C PHE A 570 -14.57 4.06 -17.93
N GLY A 571 -14.58 4.00 -19.26
CA GLY A 571 -13.85 4.95 -20.09
C GLY A 571 -13.30 4.30 -21.32
N GLY A 572 -12.29 4.97 -21.90
CA GLY A 572 -11.85 4.63 -23.24
C GLY A 572 -10.43 4.11 -23.26
N TYR A 573 -10.17 3.35 -24.31
CA TYR A 573 -8.84 2.83 -24.65
C TYR A 573 -8.61 3.11 -26.13
N ALA A 574 -7.38 3.42 -26.52
CA ALA A 574 -7.13 3.66 -27.94
C ALA A 574 -5.71 3.18 -28.27
N MET A 575 -5.55 2.58 -29.44
CA MET A 575 -4.27 2.13 -29.95
C MET A 575 -3.54 3.26 -30.67
N LEU A 576 -2.28 3.39 -30.36
CA LEU A 576 -1.38 4.41 -30.93
C LEU A 576 -0.44 3.81 -31.94
N ASP A 577 -0.67 2.56 -32.33
CA ASP A 577 0.06 1.90 -33.42
C ASP A 577 -0.96 1.00 -34.14
N ASP A 578 -0.48 0.25 -35.11
CA ASP A 578 -1.38 -0.62 -35.87
C ASP A 578 -1.39 -2.03 -35.37
N SER A 579 -1.04 -2.24 -34.09
CA SER A 579 -1.05 -3.60 -33.55
C SER A 579 -2.50 -4.11 -33.30
N PRO A 580 -2.75 -5.38 -33.56
CA PRO A 580 -4.08 -5.91 -33.25
C PRO A 580 -4.39 -5.83 -31.75
N LEU A 581 -5.56 -5.40 -31.40
CA LEU A 581 -6.00 -5.43 -30.00
C LEU A 581 -7.00 -6.60 -29.83
N HIS A 582 -6.68 -7.53 -28.94
CA HIS A 582 -7.54 -8.63 -28.60
C HIS A 582 -8.42 -8.28 -27.43
N VAL A 583 -9.69 -8.57 -27.55
CA VAL A 583 -10.68 -8.19 -26.58
C VAL A 583 -11.45 -9.45 -26.19
N LEU A 584 -11.48 -9.72 -24.88
CA LEU A 584 -12.11 -10.91 -24.31
C LEU A 584 -13.02 -10.53 -23.17
N ARG A 585 -14.30 -10.91 -23.24
CA ARG A 585 -15.23 -10.84 -22.10
C ARG A 585 -15.14 -12.22 -21.50
N GLU A 586 -14.91 -12.33 -20.19
CA GLU A 586 -14.74 -13.64 -19.62
C GLU A 586 -15.38 -13.69 -18.21
N THR A 587 -15.74 -14.88 -17.82
CA THR A 587 -16.20 -15.17 -16.46
C THR A 587 -15.17 -16.00 -15.81
N ARG A 588 -14.71 -15.55 -14.61
CA ARG A 588 -13.65 -16.24 -13.89
C ARG A 588 -14.11 -16.62 -12.48
N SER A 589 -13.60 -17.72 -12.00
CA SER A 589 -13.95 -18.21 -10.67
C SER A 589 -12.73 -18.54 -9.87
N GLY A 590 -12.82 -18.43 -8.55
CA GLY A 590 -11.75 -18.81 -7.66
C GLY A 590 -12.15 -18.57 -6.20
N SER A 591 -11.44 -19.19 -5.30
CA SER A 591 -11.69 -18.98 -3.88
C SER A 591 -10.52 -18.21 -3.30
N TRP A 592 -10.74 -17.55 -2.16
CA TRP A 592 -9.64 -16.92 -1.47
C TRP A 592 -8.64 -17.97 -0.97
N SER A 593 -9.08 -19.23 -0.71
CA SER A 593 -8.18 -20.29 -0.35
C SER A 593 -7.16 -20.58 -1.45
N GLY A 594 -7.48 -20.23 -2.68
CA GLY A 594 -6.55 -20.46 -3.78
C GLY A 594 -5.37 -19.49 -3.76
N VAL A 595 -5.47 -18.36 -3.06
CA VAL A 595 -4.42 -17.33 -3.03
C VAL A 595 -3.84 -17.09 -1.66
N ASN A 596 -4.42 -17.72 -0.63
CA ASN A 596 -3.96 -17.51 0.73
C ASN A 596 -4.36 -18.77 1.50
N ILE A 597 -3.40 -19.33 2.22
CA ILE A 597 -3.65 -20.57 2.96
C ILE A 597 -4.74 -20.39 4.02
N ASN A 598 -5.03 -19.18 4.44
CA ASN A 598 -6.09 -18.85 5.37
C ASN A 598 -7.40 -18.44 4.76
N GLY A 599 -7.46 -18.36 3.43
CA GLY A 599 -8.63 -17.87 2.76
C GLY A 599 -9.79 -18.84 2.81
N SER A 600 -11.00 -18.32 2.73
CA SER A 600 -12.19 -19.19 2.70
C SER A 600 -12.25 -20.02 1.41
N ALA A 601 -12.98 -21.12 1.50
CA ALA A 601 -13.13 -22.05 0.39
C ALA A 601 -14.28 -21.66 -0.52
N THR A 602 -15.10 -20.68 -0.14
CA THR A 602 -16.22 -20.19 -0.93
C THR A 602 -15.70 -19.81 -2.31
N VAL A 603 -16.39 -20.22 -3.37
CA VAL A 603 -16.00 -19.87 -4.75
C VAL A 603 -16.67 -18.59 -5.15
N GLN A 604 -15.83 -17.62 -5.55
CA GLN A 604 -16.33 -16.35 -6.05
C GLN A 604 -16.27 -16.38 -7.60
N GLN A 605 -17.27 -15.81 -8.22
CA GLN A 605 -17.36 -15.79 -9.68
C GLN A 605 -17.51 -14.33 -10.08
N ARG A 606 -16.68 -13.87 -11.03
CA ARG A 606 -16.69 -12.48 -11.44
C ARG A 606 -16.51 -12.38 -12.96
N ASN A 607 -17.17 -11.37 -13.54
CA ASN A 607 -16.96 -11.08 -14.95
C ASN A 607 -15.82 -10.10 -15.14
N PHE A 608 -15.04 -10.28 -16.22
CA PHE A 608 -13.94 -9.37 -16.56
C PHE A 608 -13.97 -8.96 -18.02
N ALA A 609 -13.47 -7.78 -18.29
CA ALA A 609 -13.06 -7.38 -19.63
C ALA A 609 -11.54 -7.44 -19.69
N THR A 610 -11.00 -8.09 -20.70
CA THR A 610 -9.58 -8.34 -20.82
C THR A 610 -9.16 -7.91 -22.21
N LEU A 611 -8.31 -6.91 -22.28
CA LEU A 611 -7.81 -6.34 -23.51
C LEU A 611 -6.33 -6.49 -23.59
N TYR A 612 -5.79 -7.02 -24.67
CA TYR A 612 -4.35 -7.29 -24.70
C TYR A 612 -3.80 -7.23 -26.12
N VAL A 613 -2.51 -6.98 -26.19
CA VAL A 613 -1.71 -7.12 -27.37
C VAL A 613 -0.94 -8.41 -27.27
N ASN A 614 -0.87 -9.13 -28.41
CA ASN A 614 -0.11 -10.37 -28.48
C ASN A 614 1.17 -10.10 -29.27
N HIS A 615 2.32 -10.15 -28.63
CA HIS A 615 3.62 -9.91 -29.30
C HIS A 615 4.09 -11.14 -30.05
N GLY A 616 3.39 -12.23 -29.87
CA GLY A 616 3.68 -13.51 -30.51
C GLY A 616 4.81 -14.29 -29.90
N VAL A 617 5.19 -15.41 -30.55
CA VAL A 617 6.35 -16.18 -30.15
C VAL A 617 7.64 -15.56 -30.73
N GLY A 618 8.72 -15.60 -29.98
CA GLY A 618 10.05 -15.14 -30.42
C GLY A 618 10.02 -13.68 -30.92
N PRO A 619 9.35 -12.75 -30.22
CA PRO A 619 9.38 -11.35 -30.66
C PRO A 619 10.80 -10.82 -30.75
N VAL A 620 11.06 -10.02 -31.79
CA VAL A 620 12.33 -9.32 -31.92
C VAL A 620 12.01 -7.87 -31.82
N ALA A 621 12.49 -7.25 -30.76
CA ALA A 621 12.21 -5.85 -30.52
C ALA A 621 10.68 -5.60 -30.65
N GLY A 622 9.85 -6.42 -29.96
CA GLY A 622 8.42 -6.15 -29.96
C GLY A 622 8.09 -4.83 -29.26
N SER A 623 6.91 -4.32 -29.53
CA SER A 623 6.53 -2.99 -29.06
C SER A 623 5.04 -2.88 -28.86
N TYR A 624 4.59 -1.86 -28.17
CA TYR A 624 3.18 -1.54 -28.09
C TYR A 624 3.05 -0.03 -27.94
N ALA A 625 1.88 0.48 -28.19
CA ALA A 625 1.59 1.90 -27.97
C ALA A 625 0.08 2.04 -27.83
N TYR A 626 -0.40 2.44 -26.66
CA TYR A 626 -1.83 2.60 -26.44
C TYR A 626 -2.05 3.68 -25.39
N MET A 627 -3.29 4.03 -25.19
CA MET A 627 -3.65 5.00 -24.15
C MET A 627 -4.92 4.64 -23.46
N VAL A 628 -5.07 5.12 -22.24
CA VAL A 628 -6.24 4.87 -21.42
C VAL A 628 -6.80 6.21 -21.00
N ALA A 629 -8.12 6.35 -21.09
CA ALA A 629 -8.80 7.60 -20.78
C ALA A 629 -9.91 7.27 -19.78
N PRO A 630 -9.59 7.10 -18.50
CA PRO A 630 -10.63 6.79 -17.51
C PRO A 630 -11.66 7.89 -17.46
N GLY A 631 -12.93 7.51 -17.43
CA GLY A 631 -14.01 8.46 -17.37
C GLY A 631 -14.46 9.04 -18.72
N ALA A 632 -13.76 8.77 -19.82
CA ALA A 632 -14.13 9.31 -21.12
C ALA A 632 -15.44 8.68 -21.58
N SER A 633 -16.29 9.54 -22.13
CA SER A 633 -17.47 9.09 -22.83
C SER A 633 -17.14 8.42 -24.14
N VAL A 634 -18.10 7.75 -24.76
CA VAL A 634 -17.90 7.17 -26.10
C VAL A 634 -17.45 8.30 -27.08
N ASP A 635 -18.07 9.50 -26.99
CA ASP A 635 -17.80 10.57 -27.95
C ASP A 635 -16.36 11.02 -27.75
N LEU A 636 -15.92 11.15 -26.48
CA LEU A 636 -14.55 11.65 -26.26
C LEU A 636 -13.56 10.56 -26.65
N THR A 637 -13.89 9.30 -26.42
CA THR A 637 -13.03 8.19 -26.77
C THR A 637 -12.80 8.11 -28.28
N ARG A 638 -13.89 8.20 -29.05
CA ARG A 638 -13.83 8.27 -30.52
C ARG A 638 -12.88 9.38 -31.04
N LYS A 639 -12.76 10.45 -30.34
CA LYS A 639 -11.92 11.61 -30.72
C LYS A 639 -10.49 11.59 -30.22
N LEU A 640 -10.13 10.64 -29.36
CA LEU A 640 -8.77 10.62 -28.80
C LEU A 640 -7.66 10.65 -29.88
N LEU A 641 -7.85 9.86 -30.93
CA LEU A 641 -6.85 9.69 -32.00
C LEU A 641 -6.90 10.77 -33.08
N GLU A 642 -7.74 11.77 -32.87
CA GLU A 642 -7.87 12.85 -33.85
C GLU A 642 -7.08 14.09 -33.45
N GLY A 643 -6.50 14.81 -34.43
CA GLY A 643 -5.88 16.06 -34.10
C GLY A 643 -4.48 15.97 -33.49
N ASN A 644 -3.88 14.78 -33.54
CA ASN A 644 -2.52 14.56 -33.00
C ASN A 644 -2.42 15.11 -31.59
N LYS A 645 -3.44 14.83 -30.76
CA LYS A 645 -3.44 15.25 -29.37
C LYS A 645 -2.32 14.56 -28.58
N TYR A 646 -2.07 13.28 -28.91
CA TYR A 646 -1.12 12.47 -28.16
C TYR A 646 -0.10 11.99 -29.22
N SER A 647 0.97 12.77 -29.39
CA SER A 647 1.88 12.65 -30.52
C SER A 647 3.12 11.81 -30.14
N VAL A 648 3.14 10.55 -30.58
CA VAL A 648 4.31 9.70 -30.33
C VAL A 648 5.50 10.29 -31.12
N ILE A 649 6.61 10.47 -30.41
CA ILE A 649 7.84 11.03 -30.95
C ILE A 649 8.81 9.95 -31.31
N ARG A 650 9.01 9.02 -30.35
CA ARG A 650 9.94 7.90 -30.52
C ARG A 650 9.47 6.79 -29.62
N ASN A 651 9.70 5.57 -30.01
CA ASN A 651 9.34 4.42 -29.16
C ASN A 651 10.23 3.26 -29.49
N ASP A 652 11.44 3.22 -28.97
CA ASP A 652 12.35 2.15 -29.30
C ASP A 652 13.35 1.93 -28.14
N ALA A 653 14.39 1.12 -28.41
CA ALA A 653 15.30 0.71 -27.37
C ALA A 653 16.16 1.85 -26.86
N THR A 654 16.21 2.97 -27.61
CA THR A 654 16.92 4.14 -27.14
C THR A 654 16.09 5.07 -26.23
N ALA A 655 14.87 5.41 -26.65
CA ALA A 655 14.06 6.34 -25.92
C ALA A 655 12.62 6.18 -26.28
N GLN A 656 11.75 6.63 -25.39
CA GLN A 656 10.31 6.61 -25.60
C GLN A 656 9.79 7.99 -25.23
N SER A 657 8.99 8.58 -26.08
CA SER A 657 8.59 9.95 -25.88
C SER A 657 7.26 10.29 -26.53
N VAL A 658 6.47 11.17 -25.91
CA VAL A 658 5.19 11.65 -26.44
C VAL A 658 5.03 13.13 -26.14
N GLU A 659 4.40 13.85 -27.04
CA GLU A 659 3.99 15.21 -26.80
C GLU A 659 2.48 15.29 -26.58
N PHE A 660 2.08 15.99 -25.54
CA PHE A 660 0.71 16.31 -25.22
C PHE A 660 0.40 17.67 -25.84
N LYS A 661 -0.40 17.64 -26.90
CA LYS A 661 -0.67 18.87 -27.68
C LYS A 661 -1.34 19.96 -26.84
N THR A 662 -2.44 19.62 -26.15
CA THR A 662 -3.20 20.66 -25.38
C THR A 662 -2.35 21.27 -24.27
N ALA A 663 -1.62 20.39 -23.57
CA ALA A 663 -0.80 20.83 -22.45
C ALA A 663 0.54 21.45 -22.91
N LYS A 664 0.83 21.44 -24.21
CA LYS A 664 2.08 21.91 -24.80
C LYS A 664 3.31 21.42 -24.02
N THR A 665 3.28 20.11 -23.74
CA THR A 665 4.30 19.53 -22.85
C THR A 665 4.74 18.19 -23.43
N THR A 666 6.05 17.92 -23.41
CA THR A 666 6.64 16.72 -23.94
C THR A 666 7.24 15.93 -22.80
N ALA A 667 7.10 14.62 -22.88
CA ALA A 667 7.63 13.73 -21.86
C ALA A 667 8.50 12.66 -22.51
N ALA A 668 9.58 12.20 -21.85
CA ALA A 668 10.47 11.22 -22.42
C ALA A 668 11.15 10.37 -21.35
N THR A 669 11.44 9.16 -21.72
CA THR A 669 12.36 8.29 -20.99
C THR A 669 13.50 7.88 -21.93
N PHE A 670 14.70 7.84 -21.39
CA PHE A 670 15.91 7.48 -22.13
C PHE A 670 16.55 6.24 -21.53
N TRP A 671 16.78 5.28 -22.38
CA TRP A 671 17.44 4.05 -22.05
C TRP A 671 18.92 4.05 -22.39
N LYS A 672 19.25 4.75 -23.46
CA LYS A 672 20.61 4.81 -23.98
C LYS A 672 20.89 6.28 -24.30
N PRO A 673 22.16 6.68 -24.45
CA PRO A 673 22.40 8.05 -24.96
C PRO A 673 21.78 8.24 -26.32
N GLY A 674 21.14 9.35 -26.56
CA GLY A 674 20.47 9.58 -27.82
C GLY A 674 19.45 10.68 -27.77
N MET A 675 18.72 10.81 -28.85
CA MET A 675 17.80 11.86 -29.02
C MET A 675 16.39 11.33 -29.16
N ALA A 676 15.41 12.01 -28.60
CA ALA A 676 14.01 11.77 -28.87
C ALA A 676 13.45 13.08 -29.34
N GLY A 677 13.24 13.18 -30.64
CA GLY A 677 12.87 14.47 -31.17
C GLY A 677 14.01 15.47 -31.05
N ASP A 678 13.71 16.63 -30.49
CA ASP A 678 14.83 17.58 -30.31
C ASP A 678 15.42 17.59 -28.90
N LEU A 679 15.09 16.63 -28.08
CA LEU A 679 15.66 16.45 -26.74
C LEU A 679 16.67 15.30 -26.75
N GLY A 680 17.89 15.53 -26.24
CA GLY A 680 18.84 14.47 -26.05
C GLY A 680 19.21 14.27 -24.60
N ALA A 681 19.69 13.08 -24.31
CA ALA A 681 20.25 12.80 -22.98
C ALA A 681 21.51 11.94 -23.15
N SER A 682 22.45 12.15 -22.26
CA SER A 682 23.72 11.46 -22.27
C SER A 682 23.66 10.07 -21.64
N GLY A 683 22.53 9.72 -21.03
CA GLY A 683 22.42 8.46 -20.32
C GLY A 683 20.97 8.33 -19.82
N PRO A 684 20.71 7.30 -19.03
CA PRO A 684 19.35 7.10 -18.48
C PRO A 684 18.77 8.38 -17.92
N ALA A 685 17.49 8.65 -18.21
CA ALA A 685 16.86 9.89 -17.79
C ALA A 685 15.38 9.78 -17.91
N CYS A 686 14.64 10.46 -17.02
CA CYS A 686 13.23 10.80 -17.23
C CYS A 686 13.16 12.30 -17.38
N VAL A 687 12.45 12.82 -18.39
CA VAL A 687 12.41 14.25 -18.63
C VAL A 687 10.99 14.64 -18.98
N VAL A 688 10.50 15.77 -18.46
CA VAL A 688 9.30 16.44 -18.92
C VAL A 688 9.67 17.89 -19.19
N PHE A 689 9.28 18.44 -20.35
CA PHE A 689 9.60 19.86 -20.58
C PHE A 689 8.44 20.55 -21.23
N SER A 690 8.40 21.86 -21.08
CA SER A 690 7.37 22.69 -21.72
C SER A 690 7.91 24.10 -21.86
N ARG A 691 7.73 24.62 -23.06
CA ARG A 691 8.15 26.00 -23.35
C ARG A 691 6.93 26.89 -23.18
N HIS A 692 7.17 28.03 -22.54
CA HIS A 692 6.13 29.08 -22.43
C HIS A 692 6.84 30.36 -22.91
N GLY A 693 6.61 30.74 -24.16
CA GLY A 693 7.25 31.92 -24.75
C GLY A 693 8.75 31.76 -24.73
N ASN A 694 9.42 32.69 -24.06
CA ASN A 694 10.86 32.72 -23.97
C ASN A 694 11.42 32.01 -22.75
N GLU A 695 10.62 31.10 -22.17
CA GLU A 695 11.09 30.36 -20.95
C GLU A 695 10.89 28.83 -21.13
N LEU A 696 11.89 28.05 -20.81
CA LEU A 696 11.74 26.58 -20.91
C LEU A 696 11.71 26.02 -19.49
N SER A 697 10.65 25.28 -19.20
CA SER A 697 10.57 24.57 -17.91
C SER A 697 10.92 23.08 -18.11
N LEU A 698 11.70 22.50 -17.19
CA LEU A 698 12.09 21.06 -17.27
C LEU A 698 12.00 20.43 -15.89
N ALA A 699 11.59 19.18 -15.91
CA ALA A 699 11.79 18.26 -14.80
C ALA A 699 12.61 17.13 -15.24
N VAL A 700 13.58 16.77 -14.44
CA VAL A 700 14.54 15.73 -14.79
C VAL A 700 14.80 14.84 -13.61
N SER A 701 14.85 13.52 -13.83
CA SER A 701 15.45 12.59 -12.89
C SER A 701 16.49 11.71 -13.55
N GLU A 702 17.37 11.20 -12.71
CA GLU A 702 18.47 10.33 -13.05
C GLU A 702 18.08 8.96 -12.46
N PRO A 703 17.33 8.10 -13.19
CA PRO A 703 16.55 7.05 -12.54
C PRO A 703 17.40 5.85 -12.07
N THR A 704 18.64 5.69 -12.48
CA THR A 704 19.42 4.60 -11.94
C THR A 704 19.78 4.81 -10.48
N GLN A 705 19.81 6.07 -10.05
CA GLN A 705 20.20 6.43 -8.68
C GLN A 705 21.70 6.21 -8.46
N LYS A 706 22.47 5.97 -9.51
CA LYS A 706 23.88 5.63 -9.38
C LYS A 706 24.81 6.51 -10.20
N ALA A 707 24.31 7.34 -11.09
CA ALA A 707 25.17 8.20 -11.94
C ALA A 707 25.43 9.53 -11.28
N ALA A 708 26.71 9.94 -11.44
CA ALA A 708 27.15 11.19 -10.88
C ALA A 708 26.77 12.46 -11.66
N GLY A 709 26.53 12.29 -12.95
CA GLY A 709 26.17 13.39 -13.81
C GLY A 709 25.19 12.99 -14.87
N LEU A 710 24.55 13.99 -15.45
CA LEU A 710 23.68 13.75 -16.59
C LEU A 710 23.65 15.02 -17.38
N THR A 711 23.76 14.91 -18.71
CA THR A 711 23.76 16.06 -19.61
C THR A 711 22.58 15.93 -20.59
N LEU A 712 21.75 16.92 -20.62
CA LEU A 712 20.72 17.05 -21.64
C LEU A 712 21.13 17.92 -22.78
N THR A 713 20.67 17.59 -23.96
CA THR A 713 20.76 18.43 -25.15
C THR A 713 19.40 19.02 -25.28
N LEU A 714 19.31 20.33 -25.18
CA LEU A 714 18.06 21.01 -25.01
C LEU A 714 17.22 21.18 -26.23
N PRO A 715 15.90 21.00 -26.11
CA PRO A 715 14.96 21.20 -27.22
C PRO A 715 14.61 22.68 -27.38
N GLU A 716 13.85 22.99 -28.38
CA GLU A 716 13.17 24.28 -28.55
C GLU A 716 14.18 25.42 -28.76
N GLY A 717 15.32 25.14 -29.37
CA GLY A 717 16.30 26.19 -29.71
C GLY A 717 17.32 26.34 -28.62
N THR A 718 17.88 27.57 -28.55
CA THR A 718 19.01 27.80 -27.66
C THR A 718 18.54 28.50 -26.38
N TRP A 719 19.31 28.31 -25.33
CA TRP A 719 18.95 28.75 -23.94
C TRP A 719 20.18 29.29 -23.30
N SER A 720 20.08 30.52 -22.76
CA SER A 720 21.31 31.20 -22.32
C SER A 720 21.40 31.53 -20.87
N SER A 721 20.31 31.40 -20.14
CA SER A 721 20.42 31.55 -18.68
C SER A 721 19.46 30.63 -17.93
N VAL A 722 19.77 30.49 -16.66
CA VAL A 722 18.98 29.68 -15.75
C VAL A 722 18.15 30.60 -14.85
N LEU A 723 16.85 30.60 -14.93
CA LEU A 723 15.92 31.39 -14.10
C LEU A 723 15.61 30.82 -12.76
N GLU A 724 15.35 29.52 -12.74
CA GLU A 724 15.04 28.75 -11.54
C GLU A 724 15.85 27.44 -11.57
N GLY A 725 16.32 27.06 -10.42
CA GLY A 725 17.08 25.85 -10.24
C GLY A 725 18.57 25.94 -10.51
N ALA A 726 19.15 24.79 -10.62
CA ALA A 726 20.57 24.58 -10.79
C ALA A 726 20.90 23.81 -12.05
N GLY A 727 22.09 24.00 -12.53
CA GLY A 727 22.59 23.24 -13.65
C GLY A 727 23.49 24.14 -14.46
N THR A 728 24.35 23.54 -15.27
CA THR A 728 25.35 24.34 -16.00
C THR A 728 25.04 24.34 -17.50
N LEU A 729 24.83 25.52 -18.06
CA LEU A 729 24.54 25.67 -19.46
C LEU A 729 25.81 25.59 -20.24
N GLY A 730 25.74 24.97 -21.40
CA GLY A 730 26.90 24.74 -22.25
C GLY A 730 26.42 24.69 -23.69
N THR A 731 27.38 24.42 -24.59
CA THR A 731 27.08 24.37 -26.02
C THR A 731 27.93 23.31 -26.60
N ASP A 732 27.31 22.50 -27.42
CA ASP A 732 28.03 21.37 -27.95
C ASP A 732 28.66 21.81 -29.29
N ALA A 733 29.44 20.91 -29.87
CA ALA A 733 30.18 21.18 -31.13
C ALA A 733 29.26 21.64 -32.25
N ASP A 734 27.98 21.22 -32.16
CA ASP A 734 26.95 21.50 -33.19
C ASP A 734 26.03 22.69 -32.97
N GLY A 735 26.37 23.51 -31.99
CA GLY A 735 25.58 24.70 -31.69
C GLY A 735 24.33 24.54 -30.82
N ARG A 736 24.08 23.34 -30.30
CA ARG A 736 22.87 23.15 -29.48
C ARG A 736 23.20 23.43 -28.04
N SER A 737 22.24 23.95 -27.30
CA SER A 737 22.47 24.19 -25.87
C SER A 737 22.40 22.89 -25.07
N THR A 738 23.29 22.77 -24.11
CA THR A 738 23.32 21.67 -23.17
C THR A 738 23.08 22.11 -21.72
N LEU A 739 22.56 21.18 -20.92
CA LEU A 739 22.36 21.42 -19.50
C LEU A 739 22.98 20.26 -18.81
N THR A 740 23.94 20.51 -17.92
CA THR A 740 24.69 19.48 -17.27
C THR A 740 24.32 19.56 -15.79
N LEU A 741 23.88 18.43 -15.25
CA LEU A 741 23.39 18.34 -13.89
C LEU A 741 24.32 17.47 -13.08
N ASP A 742 24.58 17.87 -11.82
CA ASP A 742 25.23 17.01 -10.86
C ASP A 742 24.12 16.19 -10.16
N THR A 743 24.13 14.89 -10.39
CA THR A 743 23.05 14.02 -9.91
C THR A 743 23.55 13.11 -8.77
N THR A 744 24.75 13.40 -8.24
CA THR A 744 25.35 12.60 -7.19
C THR A 744 24.40 12.54 -5.97
N GLY A 745 24.04 11.32 -5.60
CA GLY A 745 23.18 11.06 -4.44
C GLY A 745 21.72 11.50 -4.51
N LEU A 746 21.20 11.76 -5.71
CA LEU A 746 19.83 12.30 -5.77
C LEU A 746 18.69 11.25 -5.55
N SER A 747 19.06 9.98 -5.51
CA SER A 747 18.14 8.90 -5.15
C SER A 747 16.87 8.89 -5.98
N GLY A 748 17.02 9.23 -7.26
CA GLY A 748 15.87 9.19 -8.17
C GLY A 748 14.96 10.41 -8.10
N LYS A 749 15.28 11.41 -7.25
CA LYS A 749 14.43 12.55 -7.07
C LYS A 749 14.51 13.51 -8.29
N THR A 750 13.46 14.29 -8.42
CA THR A 750 13.30 15.22 -9.56
C THR A 750 13.99 16.57 -9.27
N LYS A 751 14.70 17.07 -10.29
CA LYS A 751 15.22 18.44 -10.33
C LYS A 751 14.33 19.24 -11.24
N LEU A 752 13.84 20.40 -10.77
CA LEU A 752 13.07 21.34 -11.55
C LEU A 752 13.98 22.49 -11.97
N ILE A 753 13.93 22.82 -13.25
CA ILE A 753 14.79 23.84 -13.85
C ILE A 753 13.91 24.75 -14.75
N LYS A 754 14.19 26.06 -14.73
CA LYS A 754 13.57 26.97 -15.71
C LYS A 754 14.72 27.75 -16.34
N LEU A 755 14.71 27.77 -17.66
CA LEU A 755 15.68 28.52 -18.48
C LEU A 755 15.01 29.64 -19.23
N LYS A 756 15.84 30.65 -19.54
CA LYS A 756 15.40 31.80 -20.40
C LYS A 756 16.22 31.81 -21.66
N ARG A 757 15.53 32.13 -22.76
CA ARG A 757 16.08 32.17 -24.10
C ARG A 757 17.34 33.04 -24.07
C1 ASG B . 11.20 -13.95 7.32
C2 ASG B . 10.10 -13.75 8.39
C3 ASG B . 9.24 -12.50 8.19
C4 ASG B . 10.09 -11.27 7.99
C5 ASG B . 11.02 -11.59 6.80
C6 ASG B . 11.75 -10.39 6.25
C7 ASG B . 9.44 -15.81 9.56
C8 ASG B . 8.28 -16.75 9.72
O1 ASG B . 12.08 -14.96 7.79
N2 ASG B . 9.26 -14.92 8.60
O3 ASG B . 8.49 -12.43 9.37
O4 ASG B . 10.80 -11.01 9.21
O5 ASG B . 11.88 -12.71 7.17
O6 ASG B . 12.70 -10.70 5.24
O7 ASG B . 10.49 -15.86 10.22
OSA ASG B . 10.86 -8.54 8.71
OSB ASG B . 11.20 -9.29 10.89
OSC ASG B . 13.01 -9.50 9.26
S ASG B . 11.44 -9.56 9.53
C1 GCT B . 7.12 -12.26 9.05
C2 GCT B . 6.41 -12.83 10.26
O2 GCT B . 6.30 -14.20 10.01
C3 GCT B . 4.99 -12.33 10.01
O3 GCT B . 4.13 -13.06 10.75
C4 GCT B . 4.99 -10.84 10.34
C5 GCT B . 5.97 -10.05 9.48
C6 GCT B . 6.71 -8.89 10.18
O6A GCT B . 7.90 -8.61 9.90
O6B GCT B . 6.03 -8.21 10.97
O5 GCT B . 6.74 -10.95 8.67
C1 ASG B . 2.41 -10.06 10.18
C2 ASG B . 1.29 -9.28 9.52
C3 ASG B . 0.11 -9.21 10.47
C4 ASG B . -0.30 -10.61 10.80
C5 ASG B . 0.87 -11.44 11.36
C6 ASG B . 0.45 -12.88 11.51
C7 ASG B . 1.45 -7.34 7.94
C8 ASG B . 1.54 -5.89 7.84
O1 ASG B . 3.49 -10.14 9.27
N2 ASG B . 1.61 -7.91 9.17
O3 ASG B . -1.00 -8.55 9.81
O4 ASG B . -0.84 -11.22 9.57
O5 ASG B . 1.94 -11.39 10.39
O6 ASG B . 1.55 -13.53 11.92
O7 ASG B . 1.11 -8.07 6.98
OSA ASG B . -2.48 -12.80 10.44
OSB ASG B . -3.22 -10.56 10.25
OSC ASG B . -2.73 -11.87 8.10
S ASG B . -2.41 -11.66 9.57
C1 GAD B . -1.29 -7.23 10.32
C2 GAD B . -2.40 -6.59 9.48
O2 GAD B . -1.91 -6.38 8.13
C3 GAD B . -2.81 -5.25 10.05
O3 GAD B . -4.14 -4.94 9.64
C4 GAD B . -2.73 -5.32 11.58
C5 GAD B . -2.25 -6.34 12.29
C6 GAD B . -2.17 -6.40 13.75
O6A GAD B . -2.15 -5.31 14.38
O6B GAD B . -2.10 -7.55 14.25
O5 GAD B . -1.77 -7.47 11.62
NA NA C . 12.31 -8.67 1.24
P PO4 D . 6.91 -9.53 10.29
O1 PO4 D . 6.10 -8.60 11.20
O2 PO4 D . 6.05 -9.94 9.20
O3 PO4 D . 8.30 -8.92 9.88
O4 PO4 D . 7.19 -10.71 11.23
C1 GOL E . -9.79 -0.40 18.56
O1 GOL E . -8.90 -0.25 19.72
C2 GOL E . -9.02 -0.70 17.28
O2 GOL E . -8.11 0.36 16.99
C3 GOL E . -9.90 -1.04 16.06
O3 GOL E . -10.78 0.02 15.71
C1 GOL F . 4.38 22.76 -17.18
O1 GOL F . 5.24 23.86 -17.50
C2 GOL F . 3.24 22.63 -18.14
O2 GOL F . 2.46 23.81 -18.17
C3 GOL F . 2.44 21.36 -17.80
O3 GOL F . 1.58 21.50 -16.68
C1 GOL G . 15.43 -3.94 27.92
O1 GOL G . 16.21 -5.09 27.76
C2 GOL G . 15.31 -3.78 29.45
O2 GOL G . 14.52 -4.80 30.06
C3 GOL G . 14.65 -2.46 29.72
O3 GOL G . 14.81 -2.10 31.10
#